data_9NYK
#
_entry.id   9NYK
#
_cell.length_a   1.00
_cell.length_b   1.00
_cell.length_c   1.00
_cell.angle_alpha   90.00
_cell.angle_beta   90.00
_cell.angle_gamma   90.00
#
_symmetry.space_group_name_H-M   'P 1'
#
loop_
_entity.id
_entity.type
_entity.pdbx_description
1 polymer 'Glycosyltransferase sll0501'
2 non-polymer "URIDINE-5'-DIPHOSPHATE-GLUCOSE"
3 non-polymer '[(2~{E},6~{E},10~{E},14~{E},18~{Z},22~{E},26~{Z},30~{E},34~{E},38~{E})-3,7,11,15,19,23,27,31,35,39,43-undecamethyltetratetraconta-2,6,10,14,18,22,26,30,34,38,42-undecaenyl] dihydrogen phosphate'
4 non-polymer 'MAGNESIUM ION'
#
_entity_poly.entity_id   1
_entity_poly.type   'polypeptide(L)'
_entity_poly.pdbx_seq_one_letter_code
;MHHHHHHSSGVDLGTENLYFQSNATIELSIVIPMYNEEDNLEHLFARLLEVLTPLKITYEIICVNDGSKDKTLKQLIDCY
QSNRQIKIVNLSRNFGKEIALSAGIDYAQGNAVIPIDADLQDPPELIHELVDKWREGYDIVYATRRSRQGETWVKQFTAK
MFYKVIGRMTEIKIPPNTGDFRLMDRKVVNAIKQLPERTRFMKGLFAWVGYRQTFVLFDREPRFQGQTKWNYWKLWNFAL
DGIFSFSLLPLKVWTYLGSIISLLSLAYASFLILKTITLGVDVPGYASLMVAILFLGGVQLISLGVIGEYLGRVYEEVKA
RPLYLVSDLWGLEYLPLEKLN
;
_entity_poly.pdbx_strand_id   A,B,C,D
#
# COMPACT_ATOMS: atom_id res chain seq x y z
N THR A 25 5.18 37.43 13.75
CA THR A 25 4.38 36.29 14.15
C THR A 25 2.91 36.55 13.83
N ILE A 26 2.26 35.56 13.21
CA ILE A 26 0.87 35.66 12.80
C ILE A 26 0.00 34.92 13.81
N GLU A 27 -0.98 35.62 14.37
CA GLU A 27 -1.86 35.02 15.36
C GLU A 27 -3.08 34.34 14.74
N LEU A 28 -3.59 34.88 13.63
CA LEU A 28 -4.79 34.35 13.00
C LEU A 28 -4.59 34.22 11.50
N SER A 29 -5.06 33.11 10.94
CA SER A 29 -5.08 32.88 9.51
C SER A 29 -6.53 32.69 9.08
N ILE A 30 -6.93 33.31 7.99
CA ILE A 30 -8.27 33.17 7.45
C ILE A 30 -8.15 32.60 6.05
N VAL A 31 -8.63 31.38 5.86
CA VAL A 31 -8.46 30.65 4.60
C VAL A 31 -9.78 30.70 3.84
N ILE A 32 -9.75 31.30 2.66
CA ILE A 32 -10.94 31.48 1.83
C ILE A 32 -10.73 30.75 0.52
N PRO A 33 -11.40 29.62 0.31
CA PRO A 33 -11.40 29.01 -1.03
C PRO A 33 -12.34 29.77 -1.96
N MET A 34 -11.89 30.00 -3.18
CA MET A 34 -12.63 30.82 -4.14
C MET A 34 -12.75 30.08 -5.46
N TYR A 35 -13.92 30.20 -6.09
CA TYR A 35 -14.14 29.65 -7.42
C TYR A 35 -15.27 30.45 -8.06
N ASN A 36 -14.93 31.27 -9.05
CA ASN A 36 -15.87 32.21 -9.66
C ASN A 36 -16.48 33.12 -8.61
N GLU A 37 -15.65 33.61 -7.70
CA GLU A 37 -16.08 34.45 -6.59
C GLU A 37 -15.94 35.94 -6.91
N GLU A 38 -15.84 36.30 -8.18
CA GLU A 38 -15.81 37.71 -8.56
C GLU A 38 -17.14 38.36 -8.20
N ASP A 39 -17.07 39.66 -7.88
CA ASP A 39 -18.15 40.53 -7.42
C ASP A 39 -18.50 40.26 -5.96
N ASN A 40 -17.92 39.24 -5.33
CA ASN A 40 -18.03 39.04 -3.89
C ASN A 40 -16.76 39.44 -3.15
N LEU A 41 -15.66 39.69 -3.86
CA LEU A 41 -14.40 39.97 -3.21
C LEU A 41 -14.43 41.28 -2.42
N GLU A 42 -15.06 42.31 -2.98
CA GLU A 42 -15.12 43.60 -2.30
C GLU A 42 -15.89 43.48 -0.99
N HIS A 43 -17.09 42.92 -1.04
CA HIS A 43 -17.90 42.77 0.17
C HIS A 43 -17.22 41.84 1.17
N LEU A 44 -16.65 40.74 0.69
CA LEU A 44 -16.01 39.78 1.58
C LEU A 44 -14.84 40.42 2.31
N PHE A 45 -13.98 41.14 1.58
CA PHE A 45 -12.82 41.76 2.22
C PHE A 45 -13.22 42.90 3.13
N ALA A 46 -14.27 43.65 2.76
CA ALA A 46 -14.76 44.71 3.65
C ALA A 46 -15.24 44.14 4.97
N ARG A 47 -16.07 43.09 4.90
CA ARG A 47 -16.56 42.46 6.13
C ARG A 47 -15.43 41.85 6.93
N LEU A 48 -14.49 41.20 6.26
CA LEU A 48 -13.37 40.57 6.97
C LEU A 48 -12.52 41.61 7.70
N LEU A 49 -12.21 42.73 7.04
CA LEU A 49 -11.45 43.77 7.70
C LEU A 49 -12.23 44.39 8.85
N GLU A 50 -13.53 44.62 8.66
CA GLU A 50 -14.36 45.18 9.72
C GLU A 50 -14.37 44.28 10.95
N VAL A 51 -14.44 42.97 10.74
CA VAL A 51 -14.41 42.02 11.86
C VAL A 51 -13.02 41.93 12.48
N LEU A 52 -11.97 41.91 11.66
CA LEU A 52 -10.65 41.55 12.15
C LEU A 52 -9.89 42.72 12.78
N THR A 53 -10.19 43.95 12.38
CA THR A 53 -9.47 45.09 12.94
C THR A 53 -9.65 45.23 14.45
N PRO A 54 -10.87 45.12 15.01
CA PRO A 54 -11.00 45.29 16.47
C PRO A 54 -10.27 44.25 17.30
N LEU A 55 -9.96 43.08 16.75
CA LEU A 55 -9.28 42.04 17.52
C LEU A 55 -7.86 42.47 17.91
N LYS A 56 -7.27 43.42 17.19
CA LYS A 56 -5.95 43.97 17.53
C LYS A 56 -4.88 42.89 17.58
N ILE A 57 -4.91 41.97 16.60
CA ILE A 57 -3.89 40.94 16.47
C ILE A 57 -3.44 40.87 15.02
N THR A 58 -2.22 40.37 14.83
CA THR A 58 -1.72 40.14 13.48
C THR A 58 -2.48 38.98 12.83
N TYR A 59 -2.73 39.12 11.53
CA TYR A 59 -3.49 38.10 10.82
C TYR A 59 -3.06 38.08 9.36
N GLU A 60 -3.40 36.98 8.70
CA GLU A 60 -3.20 36.85 7.26
C GLU A 60 -4.46 36.27 6.64
N ILE A 61 -4.72 36.63 5.39
CA ILE A 61 -5.88 36.15 4.65
C ILE A 61 -5.37 35.38 3.43
N ILE A 62 -5.45 34.06 3.48
CA ILE A 62 -4.99 33.20 2.40
C ILE A 62 -6.19 32.90 1.51
N CYS A 63 -6.20 33.51 0.33
CA CYS A 63 -7.23 33.27 -0.67
C CYS A 63 -6.72 32.19 -1.63
N VAL A 64 -7.40 31.05 -1.64
CA VAL A 64 -7.01 29.92 -2.47
C VAL A 64 -7.91 29.94 -3.70
N ASN A 65 -7.34 30.35 -4.83
CA ASN A 65 -8.08 30.41 -6.09
C ASN A 65 -8.13 29.01 -6.69
N ASP A 66 -9.31 28.42 -6.72
CA ASP A 66 -9.49 27.02 -7.12
C ASP A 66 -9.65 26.92 -8.64
N GLY A 67 -8.69 27.50 -9.36
CA GLY A 67 -8.70 27.44 -10.81
C GLY A 67 -9.97 28.01 -11.41
N SER A 68 -10.39 29.17 -10.92
CA SER A 68 -11.64 29.76 -11.36
C SER A 68 -11.52 30.28 -12.79
N LYS A 69 -12.49 29.93 -13.63
CA LYS A 69 -12.53 30.42 -15.00
C LYS A 69 -12.96 31.88 -15.08
N ASP A 70 -13.42 32.46 -13.98
CA ASP A 70 -13.84 33.85 -13.94
C ASP A 70 -12.62 34.74 -13.76
N LYS A 71 -12.85 36.05 -13.65
CA LYS A 71 -11.78 37.02 -13.46
C LYS A 71 -11.45 37.25 -11.99
N THR A 72 -11.70 36.25 -11.14
CA THR A 72 -11.39 36.33 -9.72
C THR A 72 -9.91 36.54 -9.44
N LEU A 73 -9.03 35.90 -10.23
CA LEU A 73 -7.59 36.01 -9.96
C LEU A 73 -7.08 37.43 -10.14
N LYS A 74 -7.59 38.17 -11.13
CA LYS A 74 -7.14 39.54 -11.33
C LYS A 74 -7.50 40.41 -10.14
N GLN A 75 -8.73 40.29 -9.65
CA GLN A 75 -9.15 41.08 -8.49
C GLN A 75 -8.39 40.65 -7.24
N LEU A 76 -8.10 39.35 -7.11
CA LEU A 76 -7.31 38.87 -6.00
C LEU A 76 -5.90 39.47 -6.02
N ILE A 77 -5.29 39.53 -7.20
CA ILE A 77 -3.95 40.11 -7.33
C ILE A 77 -3.98 41.59 -7.01
N ASP A 78 -5.01 42.29 -7.49
CA ASP A 78 -5.13 43.71 -7.19
C ASP A 78 -5.28 43.95 -5.68
N CYS A 79 -6.12 43.16 -5.02
CA CYS A 79 -6.28 43.30 -3.58
C CYS A 79 -5.00 42.95 -2.84
N TYR A 80 -4.28 41.93 -3.30
CA TYR A 80 -3.01 41.57 -2.68
C TYR A 80 -1.99 42.70 -2.81
N GLN A 81 -1.98 43.36 -3.96
CA GLN A 81 -1.13 44.54 -4.10
C GLN A 81 -1.56 45.64 -3.14
N SER A 82 -2.86 45.86 -3.01
CA SER A 82 -3.35 46.94 -2.15
C SER A 82 -3.19 46.60 -0.67
N ASN A 83 -3.48 45.35 -0.28
CA ASN A 83 -3.48 44.94 1.11
C ASN A 83 -2.37 43.93 1.35
N ARG A 84 -1.53 44.21 2.35
CA ARG A 84 -0.39 43.36 2.65
C ARG A 84 -0.75 42.09 3.40
N GLN A 85 -1.94 42.02 3.99
CA GLN A 85 -2.38 40.84 4.72
C GLN A 85 -2.98 39.77 3.82
N ILE A 86 -3.11 40.04 2.53
CA ILE A 86 -3.75 39.12 1.59
C ILE A 86 -2.67 38.37 0.84
N LYS A 87 -2.74 37.04 0.89
CA LYS A 87 -1.86 36.16 0.14
C LYS A 87 -2.73 35.30 -0.76
N ILE A 88 -2.18 34.89 -1.90
CA ILE A 88 -2.94 34.12 -2.88
C ILE A 88 -2.24 32.79 -3.12
N VAL A 89 -3.01 31.71 -3.06
CA VAL A 89 -2.55 30.39 -3.51
C VAL A 89 -3.35 30.03 -4.74
N ASN A 90 -2.73 30.11 -5.91
CA ASN A 90 -3.42 29.85 -7.17
C ASN A 90 -3.22 28.39 -7.53
N LEU A 91 -4.23 27.56 -7.26
CA LEU A 91 -4.18 26.16 -7.67
C LEU A 91 -4.23 26.08 -9.19
N SER A 92 -3.46 25.13 -9.75
CA SER A 92 -3.40 25.00 -11.20
C SER A 92 -4.75 24.62 -11.79
N ARG A 93 -5.44 23.68 -11.16
CA ARG A 93 -6.68 23.11 -11.66
C ARG A 93 -7.81 23.39 -10.69
N ASN A 94 -9.01 22.95 -11.04
CA ASN A 94 -10.17 23.00 -10.16
C ASN A 94 -10.20 21.71 -9.36
N PHE A 95 -9.70 21.75 -8.13
CA PHE A 95 -9.57 20.56 -7.31
C PHE A 95 -10.78 20.33 -6.39
N GLY A 96 -11.51 21.37 -6.04
CA GLY A 96 -12.63 21.24 -5.15
C GLY A 96 -12.44 22.04 -3.87
N LYS A 97 -13.57 22.38 -3.23
CA LYS A 97 -13.52 23.24 -2.07
C LYS A 97 -12.74 22.61 -0.92
N GLU A 98 -12.90 21.30 -0.73
CA GLU A 98 -12.14 20.62 0.32
C GLU A 98 -10.64 20.68 0.06
N ILE A 99 -10.22 20.43 -1.18
CA ILE A 99 -8.79 20.43 -1.49
C ILE A 99 -8.24 21.86 -1.48
N ALA A 100 -9.05 22.84 -1.90
CA ALA A 100 -8.63 24.24 -1.78
C ALA A 100 -8.45 24.62 -0.33
N LEU A 101 -9.36 24.16 0.54
CA LEU A 101 -9.22 24.42 1.97
C LEU A 101 -7.95 23.77 2.51
N SER A 102 -7.65 22.54 2.06
CA SER A 102 -6.42 21.89 2.49
C SER A 102 -5.19 22.69 2.05
N ALA A 103 -5.18 23.15 0.79
CA ALA A 103 -4.05 23.94 0.30
C ALA A 103 -3.89 25.23 1.09
N GLY A 104 -5.01 25.84 1.48
CA GLY A 104 -4.93 27.01 2.35
C GLY A 104 -4.39 26.69 3.72
N ILE A 105 -4.80 25.56 4.29
CA ILE A 105 -4.38 25.20 5.64
C ILE A 105 -2.87 24.94 5.68
N ASP A 106 -2.33 24.22 4.69
CA ASP A 106 -0.89 23.98 4.67
C ASP A 106 -0.10 25.27 4.53
N TYR A 107 -0.63 26.24 3.79
CA TYR A 107 0.08 27.50 3.56
C TYR A 107 -0.23 28.57 4.59
N ALA A 108 -0.99 28.24 5.62
CA ALA A 108 -1.32 29.18 6.68
C ALA A 108 -0.36 28.99 7.85
N GLN A 109 0.28 30.09 8.27
CA GLN A 109 1.26 30.06 9.35
C GLN A 109 0.74 30.65 10.64
N GLY A 110 -0.55 30.96 10.73
CA GLY A 110 -1.09 31.53 11.94
C GLY A 110 -1.21 30.51 13.06
N ASN A 111 -1.34 31.03 14.28
CA ASN A 111 -1.52 30.15 15.44
C ASN A 111 -2.91 29.56 15.50
N ALA A 112 -3.86 30.13 14.76
CA ALA A 112 -5.22 29.61 14.69
C ALA A 112 -5.74 29.87 13.29
N VAL A 113 -6.20 28.82 12.61
CA VAL A 113 -6.65 28.91 11.23
C VAL A 113 -8.17 28.79 11.19
N ILE A 114 -8.80 29.69 10.45
CA ILE A 114 -10.25 29.74 10.31
C ILE A 114 -10.61 29.58 8.83
N PRO A 115 -11.12 28.42 8.42
CA PRO A 115 -11.69 28.32 7.08
C PRO A 115 -13.01 29.07 7.00
N ILE A 116 -13.20 29.83 5.93
CA ILE A 116 -14.41 30.61 5.72
C ILE A 116 -14.75 30.60 4.24
N ASP A 117 -15.99 30.95 3.93
CA ASP A 117 -16.48 30.95 2.56
C ASP A 117 -16.52 32.37 2.02
N ALA A 118 -16.19 32.50 0.73
CA ALA A 118 -16.13 33.82 0.10
C ALA A 118 -17.51 34.42 -0.16
N ASP A 119 -18.56 33.61 -0.15
CA ASP A 119 -19.91 34.10 -0.38
C ASP A 119 -20.54 34.71 0.87
N LEU A 120 -19.83 34.73 2.00
CA LEU A 120 -20.33 35.27 3.26
C LEU A 120 -21.58 34.53 3.74
N GLN A 121 -21.68 33.24 3.40
CA GLN A 121 -22.76 32.42 3.95
C GLN A 121 -22.63 32.30 5.46
N ASP A 122 -21.41 32.09 5.95
CA ASP A 122 -21.15 32.12 7.38
C ASP A 122 -20.74 33.53 7.79
N PRO A 123 -21.43 34.15 8.73
CA PRO A 123 -21.09 35.53 9.11
C PRO A 123 -19.68 35.62 9.66
N PRO A 124 -18.84 36.46 9.05
CA PRO A 124 -17.46 36.60 9.54
C PRO A 124 -17.36 37.15 10.95
N GLU A 125 -18.38 37.84 11.44
CA GLU A 125 -18.35 38.37 12.80
C GLU A 125 -18.14 37.28 13.84
N LEU A 126 -18.63 36.07 13.57
CA LEU A 126 -18.43 34.95 14.49
C LEU A 126 -16.96 34.65 14.73
N ILE A 127 -16.07 35.09 13.83
CA ILE A 127 -14.64 35.00 14.08
C ILE A 127 -14.34 35.45 15.50
N HIS A 128 -14.87 36.62 15.90
CA HIS A 128 -14.62 37.12 17.24
C HIS A 128 -14.99 36.09 18.28
N GLU A 129 -16.21 35.56 18.22
CA GLU A 129 -16.62 34.53 19.17
C GLU A 129 -15.66 33.36 19.13
N LEU A 130 -15.34 32.88 17.94
CA LEU A 130 -14.41 31.76 17.82
C LEU A 130 -13.11 32.07 18.55
N VAL A 131 -12.57 33.27 18.32
CA VAL A 131 -11.31 33.64 18.95
C VAL A 131 -11.43 33.54 20.46
N ASP A 132 -12.54 34.04 21.02
CA ASP A 132 -12.72 33.96 22.47
C ASP A 132 -12.72 32.51 22.92
N LYS A 133 -13.44 31.65 22.20
CA LYS A 133 -13.42 30.23 22.55
C LYS A 133 -12.02 29.68 22.47
N TRP A 134 -11.27 30.08 21.43
CA TRP A 134 -9.90 29.61 21.29
C TRP A 134 -9.03 30.09 22.44
N ARG A 135 -9.38 31.23 23.03
CA ARG A 135 -8.60 31.73 24.15
C ARG A 135 -9.14 31.21 25.49
N GLU A 136 -10.24 30.47 25.47
CA GLU A 136 -10.70 29.82 26.70
C GLU A 136 -9.96 28.52 26.98
N GLY A 137 -9.27 27.96 25.98
CA GLY A 137 -8.49 26.76 26.19
C GLY A 137 -8.81 25.63 25.23
N TYR A 138 -9.62 25.92 24.22
CA TYR A 138 -10.04 24.91 23.27
C TYR A 138 -9.13 24.89 22.05
N ASP A 139 -9.08 23.74 21.40
CA ASP A 139 -8.21 23.53 20.23
C ASP A 139 -8.98 23.57 18.92
N ILE A 140 -10.15 22.96 18.85
CA ILE A 140 -11.05 23.08 17.70
C ILE A 140 -12.33 23.71 18.20
N VAL A 141 -12.77 24.77 17.54
CA VAL A 141 -14.01 25.44 17.85
C VAL A 141 -14.86 25.41 16.59
N TYR A 142 -15.82 24.48 16.55
CA TYR A 142 -16.71 24.40 15.41
C TYR A 142 -17.72 25.54 15.43
N ALA A 143 -18.24 25.85 14.26
CA ALA A 143 -19.33 26.83 14.10
C ALA A 143 -20.54 26.06 13.60
N THR A 144 -21.48 25.79 14.49
CA THR A 144 -22.65 24.98 14.18
C THR A 144 -23.87 25.87 14.07
N ARG A 145 -24.71 25.60 13.09
CA ARG A 145 -25.96 26.33 12.95
C ARG A 145 -26.95 25.89 14.02
N ARG A 146 -27.75 26.85 14.50
CA ARG A 146 -28.77 26.52 15.48
C ARG A 146 -29.81 25.58 14.90
N SER A 147 -30.20 25.79 13.65
CA SER A 147 -31.13 24.89 12.96
C SER A 147 -30.91 25.06 11.46
N ARG A 148 -31.42 24.09 10.70
CA ARG A 148 -31.32 24.16 9.25
C ARG A 148 -32.23 25.24 8.67
N GLN A 149 -33.33 25.53 9.35
CA GLN A 149 -34.25 26.60 8.96
C GLN A 149 -34.89 26.34 7.60
N GLY A 150 -34.15 26.59 6.53
CA GLY A 150 -34.65 26.39 5.17
C GLY A 150 -35.22 25.02 4.93
N GLU A 151 -34.38 24.00 4.99
CA GLU A 151 -34.85 22.62 4.89
C GLU A 151 -35.74 22.29 6.08
N THR A 152 -36.78 21.50 5.83
CA THR A 152 -37.82 21.28 6.84
C THR A 152 -37.85 19.88 7.42
N TRP A 153 -38.00 18.83 6.61
CA TRP A 153 -38.11 17.50 7.19
C TRP A 153 -37.18 16.46 6.56
N VAL A 154 -37.08 16.46 5.23
CA VAL A 154 -36.37 15.37 4.55
C VAL A 154 -34.87 15.48 4.76
N LYS A 155 -34.33 16.68 4.50
CA LYS A 155 -32.89 16.88 4.67
C LYS A 155 -32.48 16.68 6.12
N GLN A 156 -33.30 17.16 7.07
CA GLN A 156 -32.98 16.96 8.47
C GLN A 156 -32.98 15.48 8.85
N PHE A 157 -33.96 14.72 8.35
CA PHE A 157 -34.00 13.28 8.66
C PHE A 157 -32.78 12.57 8.10
N THR A 158 -32.45 12.82 6.84
CA THR A 158 -31.29 12.18 6.23
C THR A 158 -30.00 12.58 6.95
N ALA A 159 -29.88 13.87 7.30
CA ALA A 159 -28.69 14.33 8.01
C ALA A 159 -28.59 13.70 9.39
N LYS A 160 -29.71 13.57 10.10
CA LYS A 160 -29.68 12.94 11.41
C LYS A 160 -29.25 11.49 11.31
N MET A 161 -29.77 10.76 10.32
CA MET A 161 -29.36 9.37 10.15
C MET A 161 -27.88 9.26 9.81
N PHE A 162 -27.41 10.10 8.88
CA PHE A 162 -26.00 10.07 8.50
C PHE A 162 -25.09 10.43 9.67
N TYR A 163 -25.50 11.43 10.46
CA TYR A 163 -24.68 11.85 11.59
C TYR A 163 -24.67 10.80 12.69
N LYS A 164 -25.79 10.09 12.89
CA LYS A 164 -25.77 8.95 13.81
C LYS A 164 -24.81 7.87 13.31
N VAL A 165 -24.83 7.59 12.01
CA VAL A 165 -23.96 6.57 11.45
C VAL A 165 -22.49 6.95 11.66
N ILE A 166 -22.14 8.20 11.36
CA ILE A 166 -20.73 8.60 11.48
C ILE A 166 -20.34 8.81 12.95
N GLY A 167 -21.31 9.09 13.83
CA GLY A 167 -21.00 9.16 15.25
C GLY A 167 -20.67 7.79 15.82
N ARG A 168 -21.43 6.77 15.42
CA ARG A 168 -21.05 5.41 15.79
C ARG A 168 -19.79 4.95 15.07
N MET A 169 -19.46 5.59 13.94
CA MET A 169 -18.19 5.31 13.27
C MET A 169 -17.00 5.69 14.16
N THR A 170 -16.99 6.92 14.66
CA THR A 170 -15.90 7.40 15.49
C THR A 170 -16.21 7.19 16.97
N GLU A 171 -15.41 7.79 17.85
CA GLU A 171 -15.63 7.69 19.29
C GLU A 171 -15.51 9.03 19.99
N ILE A 172 -15.54 10.15 19.26
CA ILE A 172 -15.31 11.47 19.81
C ILE A 172 -16.54 12.38 19.66
N LYS A 173 -17.55 11.93 18.93
CA LYS A 173 -18.86 12.59 18.90
C LYS A 173 -18.75 14.03 18.37
N ILE A 174 -18.42 14.13 17.09
CA ILE A 174 -18.37 15.43 16.42
C ILE A 174 -19.73 16.11 16.54
N PRO A 175 -19.79 17.41 16.81
CA PRO A 175 -21.08 18.06 16.95
C PRO A 175 -21.82 18.07 15.63
N PRO A 176 -23.15 18.07 15.66
CA PRO A 176 -23.93 18.06 14.43
C PRO A 176 -24.08 19.47 13.86
N ASN A 177 -24.66 19.54 12.67
CA ASN A 177 -24.94 20.80 11.98
C ASN A 177 -23.66 21.60 11.71
N THR A 178 -22.54 20.89 11.55
CA THR A 178 -21.25 21.53 11.37
C THR A 178 -20.87 21.59 9.89
N GLY A 179 -20.21 22.69 9.52
CA GLY A 179 -19.69 22.84 8.18
C GLY A 179 -18.19 22.99 8.18
N ASP A 180 -17.64 23.66 7.17
CA ASP A 180 -16.21 23.91 7.09
C ASP A 180 -15.77 25.16 7.83
N PHE A 181 -16.73 25.98 8.30
CA PHE A 181 -16.40 27.16 9.08
C PHE A 181 -16.11 26.75 10.52
N ARG A 182 -14.89 27.01 10.98
CA ARG A 182 -14.46 26.62 12.32
C ARG A 182 -13.14 27.33 12.61
N LEU A 183 -12.61 27.10 13.80
CA LEU A 183 -11.29 27.55 14.19
C LEU A 183 -10.47 26.33 14.61
N MET A 184 -9.24 26.24 14.11
CA MET A 184 -8.35 25.14 14.42
C MET A 184 -7.02 25.69 14.93
N ASP A 185 -6.58 25.19 16.07
CA ASP A 185 -5.31 25.61 16.64
C ASP A 185 -4.15 25.08 15.78
N ARG A 186 -2.96 25.62 16.03
CA ARG A 186 -1.78 25.17 15.30
C ARG A 186 -1.47 23.71 15.62
N LYS A 187 -1.75 23.28 16.86
CA LYS A 187 -1.57 21.87 17.21
C LYS A 187 -2.47 20.98 16.37
N VAL A 188 -3.73 21.36 16.21
CA VAL A 188 -4.66 20.57 15.42
C VAL A 188 -4.29 20.62 13.95
N VAL A 189 -3.81 21.77 13.47
CA VAL A 189 -3.38 21.87 12.08
C VAL A 189 -2.21 20.93 11.81
N ASN A 190 -1.23 20.91 12.72
CA ASN A 190 -0.10 20.01 12.55
C ASN A 190 -0.53 18.55 12.65
N ALA A 191 -1.45 18.24 13.56
CA ALA A 191 -1.94 16.87 13.67
C ALA A 191 -2.65 16.42 12.40
N ILE A 192 -3.46 17.31 11.81
CA ILE A 192 -4.11 16.98 10.55
C ILE A 192 -3.09 16.82 9.43
N LYS A 193 -2.08 17.69 9.41
CA LYS A 193 -1.01 17.56 8.43
C LYS A 193 -0.17 16.32 8.64
N GLN A 194 -0.28 15.67 9.80
CA GLN A 194 0.38 14.40 10.06
C GLN A 194 -0.42 13.22 9.50
N LEU A 195 -1.48 13.47 8.74
CA LEU A 195 -2.29 12.43 8.12
C LEU A 195 -2.15 12.54 6.61
N PRO A 196 -1.21 11.82 6.00
CA PRO A 196 -1.01 11.89 4.55
C PRO A 196 -1.85 10.87 3.77
N GLU A 197 -3.17 10.90 3.98
CA GLU A 197 -4.08 10.00 3.31
C GLU A 197 -4.83 10.75 2.22
N ARG A 198 -4.86 10.17 1.02
CA ARG A 198 -5.50 10.83 -0.10
C ARG A 198 -7.02 10.73 -0.03
N THR A 199 -7.53 9.59 0.43
CA THR A 199 -8.97 9.41 0.63
C THR A 199 -9.27 9.86 2.05
N ARG A 200 -9.63 11.14 2.19
CA ARG A 200 -9.83 11.77 3.49
C ARG A 200 -11.27 12.19 3.66
N PHE A 201 -11.78 12.02 4.87
CA PHE A 201 -13.11 12.49 5.28
C PHE A 201 -12.89 13.46 6.42
N MET A 202 -12.94 14.77 6.11
CA MET A 202 -12.51 15.78 7.07
C MET A 202 -13.40 15.79 8.31
N LYS A 203 -14.71 15.60 8.14
CA LYS A 203 -15.60 15.55 9.29
C LYS A 203 -15.22 14.44 10.25
N GLY A 204 -14.64 13.35 9.73
CA GLY A 204 -14.18 12.26 10.58
C GLY A 204 -12.74 12.42 11.02
N LEU A 205 -11.92 13.05 10.16
CA LEU A 205 -10.52 13.28 10.51
C LEU A 205 -10.41 14.24 11.69
N PHE A 206 -11.27 15.26 11.74
CA PHE A 206 -11.22 16.21 12.84
C PHE A 206 -11.70 15.60 14.15
N ALA A 207 -12.44 14.50 14.09
CA ALA A 207 -12.78 13.76 15.29
C ALA A 207 -11.69 12.77 15.68
N TRP A 208 -11.06 12.12 14.70
CA TRP A 208 -10.04 11.12 14.99
C TRP A 208 -8.84 11.72 15.72
N VAL A 209 -8.54 12.99 15.45
CA VAL A 209 -7.36 13.64 16.03
C VAL A 209 -7.75 14.33 17.33
N GLY A 210 -8.90 13.96 17.88
CA GLY A 210 -9.58 14.73 18.90
C GLY A 210 -8.73 15.41 19.96
N TYR A 211 -8.88 16.74 20.05
CA TYR A 211 -8.27 17.56 21.08
C TYR A 211 -9.38 18.17 21.91
N ARG A 212 -9.08 19.15 22.75
CA ARG A 212 -10.13 19.91 23.41
C ARG A 212 -10.98 20.59 22.34
N GLN A 213 -12.21 20.10 22.15
CA GLN A 213 -13.08 20.59 21.09
C GLN A 213 -14.36 21.15 21.68
N THR A 214 -14.90 22.16 21.01
CA THR A 214 -16.16 22.78 21.42
C THR A 214 -16.85 23.31 20.17
N PHE A 215 -17.98 23.98 20.37
CA PHE A 215 -18.71 24.55 19.25
C PHE A 215 -19.41 25.82 19.73
N VAL A 216 -19.67 26.72 18.79
CA VAL A 216 -20.50 27.89 19.03
C VAL A 216 -21.62 27.88 18.00
N LEU A 217 -22.81 28.29 18.46
CA LEU A 217 -24.01 28.27 17.63
C LEU A 217 -24.16 29.62 16.96
N PHE A 218 -24.27 29.61 15.63
CA PHE A 218 -24.45 30.82 14.85
C PHE A 218 -25.69 30.68 13.97
N ASP A 219 -26.46 31.76 13.88
CA ASP A 219 -27.65 31.81 13.05
C ASP A 219 -27.29 32.35 11.68
N ARG A 220 -27.51 31.55 10.64
CA ARG A 220 -27.18 31.95 9.29
C ARG A 220 -28.07 33.11 8.85
N GLU A 221 -27.53 33.94 7.96
CA GLU A 221 -28.22 35.14 7.52
C GLU A 221 -29.53 34.77 6.82
N PRO A 222 -30.54 35.64 6.89
CA PRO A 222 -31.79 35.36 6.17
C PRO A 222 -31.61 35.25 4.67
N ARG A 223 -30.52 35.82 4.13
CA ARG A 223 -30.24 35.68 2.71
C ARG A 223 -30.00 34.21 2.34
N PHE A 224 -29.20 33.51 3.15
CA PHE A 224 -28.80 32.14 2.85
C PHE A 224 -29.73 31.12 3.53
N GLN A 225 -31.03 31.26 3.30
CA GLN A 225 -32.00 30.29 3.80
C GLN A 225 -33.01 29.89 2.72
N GLY A 226 -32.70 30.14 1.45
CA GLY A 226 -33.59 29.81 0.37
C GLY A 226 -33.48 28.34 -0.04
N GLN A 227 -34.24 28.00 -1.08
CA GLN A 227 -34.24 26.63 -1.59
C GLN A 227 -32.86 26.29 -2.15
N THR A 228 -32.35 25.12 -1.77
CA THR A 228 -31.01 24.68 -2.15
C THR A 228 -31.09 23.48 -3.07
N LYS A 229 -30.20 23.43 -4.05
CA LYS A 229 -30.11 22.32 -4.98
C LYS A 229 -29.22 21.23 -4.39
N TRP A 230 -29.67 19.98 -4.50
CA TRP A 230 -28.92 18.83 -4.00
C TRP A 230 -28.95 17.74 -5.08
N ASN A 231 -27.94 17.72 -5.94
CA ASN A 231 -27.78 16.63 -6.88
C ASN A 231 -27.35 15.37 -6.11
N TYR A 232 -28.11 14.29 -6.26
CA TYR A 232 -27.76 13.08 -5.53
C TYR A 232 -26.68 12.31 -6.27
N TRP A 233 -25.62 13.02 -6.66
CA TRP A 233 -24.35 12.44 -7.06
C TRP A 233 -23.21 12.98 -6.22
N LYS A 234 -23.15 14.30 -6.05
CA LYS A 234 -22.19 14.90 -5.14
C LYS A 234 -22.51 14.53 -3.69
N LEU A 235 -23.78 14.62 -3.31
CA LEU A 235 -24.19 14.20 -1.97
C LEU A 235 -24.00 12.70 -1.79
N TRP A 236 -24.34 11.91 -2.81
CA TRP A 236 -24.14 10.47 -2.73
C TRP A 236 -22.66 10.12 -2.59
N ASN A 237 -21.80 10.80 -3.36
CA ASN A 237 -20.36 10.54 -3.23
C ASN A 237 -19.84 11.02 -1.89
N PHE A 238 -20.39 12.11 -1.36
CA PHE A 238 -20.00 12.57 -0.03
C PHE A 238 -20.35 11.52 1.02
N ALA A 239 -21.55 10.95 0.93
CA ALA A 239 -21.94 9.90 1.86
C ALA A 239 -21.07 8.66 1.71
N LEU A 240 -20.77 8.28 0.47
CA LEU A 240 -19.91 7.12 0.24
C LEU A 240 -18.50 7.35 0.77
N ASP A 241 -17.99 8.57 0.66
CA ASP A 241 -16.67 8.87 1.21
C ASP A 241 -16.70 8.85 2.73
N GLY A 242 -17.74 9.42 3.34
CA GLY A 242 -17.87 9.35 4.78
C GLY A 242 -18.05 7.94 5.30
N ILE A 243 -18.56 7.04 4.48
CA ILE A 243 -18.75 5.65 4.89
C ILE A 243 -17.50 4.82 4.67
N PHE A 244 -16.87 4.91 3.49
CA PHE A 244 -15.82 4.00 3.09
C PHE A 244 -14.41 4.59 3.17
N SER A 245 -14.28 5.91 3.22
CA SER A 245 -12.97 6.54 3.26
C SER A 245 -12.55 6.98 4.65
N PHE A 246 -13.35 6.69 5.68
CA PHE A 246 -13.02 7.07 7.05
C PHE A 246 -12.54 5.90 7.89
N SER A 247 -13.32 4.81 7.95
CA SER A 247 -12.98 3.69 8.82
C SER A 247 -13.25 2.38 8.11
N LEU A 248 -13.05 1.30 8.85
CA LEU A 248 -13.33 -0.05 8.39
C LEU A 248 -14.64 -0.60 8.94
N LEU A 249 -15.39 0.21 9.69
CA LEU A 249 -16.64 -0.28 10.27
C LEU A 249 -17.64 -0.79 9.24
N PRO A 250 -17.84 -0.13 8.10
CA PRO A 250 -18.67 -0.77 7.06
C PRO A 250 -18.11 -2.09 6.56
N LEU A 251 -16.79 -2.24 6.54
CA LEU A 251 -16.18 -3.51 6.17
C LEU A 251 -16.17 -4.52 7.31
N LYS A 252 -16.40 -4.06 8.54
CA LYS A 252 -16.41 -4.97 9.69
C LYS A 252 -17.82 -5.35 10.14
N VAL A 253 -18.85 -4.59 9.76
CA VAL A 253 -20.21 -5.08 9.96
C VAL A 253 -20.49 -6.22 8.99
N TRP A 254 -20.02 -6.09 7.76
CA TRP A 254 -19.84 -7.26 6.91
C TRP A 254 -18.55 -7.96 7.31
N THR A 255 -18.32 -9.15 6.73
CA THR A 255 -17.29 -10.09 7.17
C THR A 255 -17.72 -10.70 8.51
N TYR A 256 -18.80 -10.18 9.07
CA TYR A 256 -19.52 -10.77 10.18
C TYR A 256 -20.92 -11.20 9.76
N LEU A 257 -21.70 -10.29 9.19
CA LEU A 257 -22.97 -10.66 8.59
C LEU A 257 -22.77 -11.56 7.38
N GLY A 258 -21.62 -11.47 6.71
CA GLY A 258 -21.31 -12.36 5.61
C GLY A 258 -20.70 -13.66 6.09
N SER A 259 -20.25 -13.67 7.34
CA SER A 259 -19.71 -14.89 7.95
C SER A 259 -20.74 -15.65 8.77
N ILE A 260 -21.67 -14.92 9.41
CA ILE A 260 -22.80 -15.59 10.06
C ILE A 260 -23.62 -16.35 9.02
N ILE A 261 -23.82 -15.75 7.85
CA ILE A 261 -24.54 -16.42 6.77
C ILE A 261 -23.77 -17.64 6.28
N SER A 262 -22.45 -17.53 6.16
CA SER A 262 -21.65 -18.68 5.74
C SER A 262 -21.75 -19.82 6.74
N LEU A 263 -21.68 -19.50 8.04
CA LEU A 263 -21.84 -20.52 9.06
C LEU A 263 -23.23 -21.14 9.02
N LEU A 264 -24.26 -20.31 8.86
CA LEU A 264 -25.64 -20.78 8.80
C LEU A 264 -25.96 -21.51 7.50
N SER A 265 -25.08 -21.44 6.51
CA SER A 265 -25.21 -22.24 5.30
C SER A 265 -24.48 -23.57 5.42
N LEU A 266 -23.24 -23.55 5.92
CA LEU A 266 -22.51 -24.78 6.17
C LEU A 266 -23.26 -25.65 7.18
N ALA A 267 -23.75 -25.06 8.26
CA ALA A 267 -24.85 -25.66 8.99
C ALA A 267 -26.11 -25.54 8.14
N TYR A 268 -26.96 -26.56 8.24
CA TYR A 268 -28.08 -26.84 7.35
C TYR A 268 -27.62 -27.40 6.00
N ALA A 269 -26.35 -27.22 5.64
CA ALA A 269 -25.79 -28.09 4.62
C ALA A 269 -25.43 -29.43 5.24
N SER A 270 -24.78 -29.39 6.39
CA SER A 270 -24.61 -30.59 7.21
C SER A 270 -25.95 -31.18 7.62
N PHE A 271 -26.95 -30.34 7.90
CA PHE A 271 -28.25 -30.86 8.27
C PHE A 271 -28.94 -31.56 7.12
N LEU A 272 -28.83 -31.02 5.89
CA LEU A 272 -29.37 -31.74 4.74
C LEU A 272 -28.59 -33.03 4.47
N ILE A 273 -27.27 -33.01 4.67
CA ILE A 273 -26.49 -34.23 4.54
C ILE A 273 -26.99 -35.30 5.51
N LEU A 274 -27.24 -34.89 6.76
CA LEU A 274 -27.74 -35.84 7.76
C LEU A 274 -29.15 -36.31 7.41
N LYS A 275 -30.03 -35.40 6.99
CA LYS A 275 -31.40 -35.75 6.63
C LYS A 275 -31.46 -36.57 5.35
N THR A 276 -30.37 -36.65 4.59
CA THR A 276 -30.32 -37.55 3.45
C THR A 276 -29.69 -38.90 3.79
N ILE A 277 -28.60 -38.92 4.56
CA ILE A 277 -27.98 -40.19 4.90
C ILE A 277 -28.80 -40.94 5.96
N THR A 278 -29.54 -40.22 6.79
CA THR A 278 -30.62 -40.79 7.58
C THR A 278 -31.94 -40.42 6.91
N LEU A 279 -32.93 -41.29 7.05
CA LEU A 279 -34.25 -41.07 6.43
C LEU A 279 -34.06 -40.83 4.92
N GLY A 280 -33.63 -41.90 4.26
CA GLY A 280 -33.24 -41.87 2.86
C GLY A 280 -34.17 -41.06 1.98
N VAL A 281 -33.66 -39.98 1.41
CA VAL A 281 -34.46 -38.99 0.72
C VAL A 281 -34.69 -39.45 -0.71
N ASP A 282 -35.91 -39.87 -1.01
CA ASP A 282 -36.36 -40.09 -2.38
C ASP A 282 -37.28 -38.98 -2.85
N VAL A 283 -37.65 -38.07 -1.96
CA VAL A 283 -38.41 -36.87 -2.32
C VAL A 283 -37.48 -36.03 -3.20
N PRO A 284 -37.93 -35.61 -4.40
CA PRO A 284 -37.00 -35.14 -5.44
C PRO A 284 -35.54 -35.60 -5.33
N GLY A 285 -35.27 -36.79 -5.86
CA GLY A 285 -33.96 -37.41 -5.81
C GLY A 285 -32.80 -36.51 -6.21
N TYR A 286 -33.05 -35.55 -7.09
CA TYR A 286 -32.01 -34.64 -7.54
C TYR A 286 -31.76 -33.54 -6.52
N ALA A 287 -32.20 -33.76 -5.27
CA ALA A 287 -31.77 -32.93 -4.16
C ALA A 287 -30.28 -33.18 -3.88
N SER A 288 -29.78 -32.53 -2.84
CA SER A 288 -28.34 -32.43 -2.54
C SER A 288 -27.68 -31.50 -3.56
N LEU A 289 -28.47 -31.04 -4.54
CA LEU A 289 -28.12 -29.83 -5.26
C LEU A 289 -28.00 -28.67 -4.31
N MET A 290 -28.96 -28.57 -3.38
CA MET A 290 -28.93 -27.52 -2.38
C MET A 290 -27.74 -27.68 -1.44
N VAL A 291 -27.31 -28.92 -1.21
CA VAL A 291 -26.12 -29.13 -0.39
C VAL A 291 -24.90 -28.52 -1.06
N ALA A 292 -24.74 -28.76 -2.36
CA ALA A 292 -23.62 -28.16 -3.08
C ALA A 292 -23.73 -26.65 -3.12
N ILE A 293 -24.94 -26.12 -3.35
CA ILE A 293 -25.12 -24.67 -3.39
C ILE A 293 -24.73 -24.05 -2.06
N LEU A 294 -25.25 -24.59 -0.96
CA LEU A 294 -24.97 -24.03 0.36
C LEU A 294 -23.50 -24.16 0.72
N PHE A 295 -22.89 -25.32 0.44
CA PHE A 295 -21.49 -25.52 0.80
C PHE A 295 -20.58 -24.58 0.02
N LEU A 296 -20.79 -24.50 -1.30
CA LEU A 296 -19.95 -23.61 -2.10
C LEU A 296 -20.17 -22.16 -1.74
N GLY A 297 -21.42 -21.77 -1.49
CA GLY A 297 -21.68 -20.40 -1.07
C GLY A 297 -21.04 -20.06 0.27
N GLY A 298 -21.11 -20.99 1.22
CA GLY A 298 -20.48 -20.75 2.52
C GLY A 298 -18.98 -20.68 2.42
N VAL A 299 -18.36 -21.57 1.63
CA VAL A 299 -16.92 -21.52 1.46
C VAL A 299 -16.50 -20.23 0.77
N GLN A 300 -17.25 -19.81 -0.25
CA GLN A 300 -16.95 -18.55 -0.92
C GLN A 300 -17.15 -17.37 0.01
N LEU A 301 -18.12 -17.44 0.92
CA LEU A 301 -18.34 -16.34 1.86
C LEU A 301 -17.24 -16.28 2.90
N ILE A 302 -16.73 -17.44 3.35
CA ILE A 302 -15.58 -17.43 4.25
C ILE A 302 -14.35 -16.88 3.54
N SER A 303 -14.18 -17.24 2.27
CA SER A 303 -13.08 -16.67 1.49
C SER A 303 -13.22 -15.16 1.38
N LEU A 304 -14.43 -14.70 1.06
CA LEU A 304 -14.67 -13.26 0.94
C LEU A 304 -14.43 -12.56 2.26
N GLY A 305 -14.80 -13.20 3.36
CA GLY A 305 -14.52 -12.62 4.67
C GLY A 305 -13.04 -12.52 4.97
N VAL A 306 -12.28 -13.55 4.63
CA VAL A 306 -10.84 -13.52 4.88
C VAL A 306 -10.17 -12.43 4.03
N ILE A 307 -10.53 -12.37 2.74
CA ILE A 307 -9.99 -11.32 1.89
C ILE A 307 -10.44 -9.94 2.36
N GLY A 308 -11.68 -9.81 2.84
CA GLY A 308 -12.12 -8.52 3.35
C GLY A 308 -11.38 -8.09 4.59
N GLU A 309 -11.13 -9.02 5.50
CA GLU A 309 -10.38 -8.70 6.72
C GLU A 309 -8.96 -8.27 6.38
N TYR A 310 -8.28 -9.04 5.52
CA TYR A 310 -6.92 -8.66 5.16
C TYR A 310 -6.88 -7.40 4.32
N LEU A 311 -7.92 -7.14 3.53
CA LEU A 311 -7.99 -5.90 2.75
C LEU A 311 -8.21 -4.71 3.64
N GLY A 312 -9.01 -4.86 4.69
CA GLY A 312 -9.12 -3.79 5.68
C GLY A 312 -7.81 -3.54 6.40
N ARG A 313 -7.10 -4.61 6.74
CA ARG A 313 -5.77 -4.45 7.33
C ARG A 313 -4.85 -3.68 6.39
N VAL A 314 -4.85 -4.05 5.11
CA VAL A 314 -4.02 -3.35 4.12
C VAL A 314 -4.46 -1.90 3.99
N TYR A 315 -5.76 -1.64 4.04
CA TYR A 315 -6.29 -0.29 3.88
C TYR A 315 -5.83 0.61 5.01
N GLU A 316 -6.00 0.16 6.26
CA GLU A 316 -5.59 0.97 7.40
C GLU A 316 -4.07 1.01 7.54
N GLU A 317 -3.35 0.04 6.98
CA GLU A 317 -1.89 0.12 6.95
C GLU A 317 -1.42 1.16 5.95
N VAL A 318 -2.05 1.19 4.77
CA VAL A 318 -1.66 2.11 3.72
C VAL A 318 -2.00 3.55 4.10
N LYS A 319 -3.14 3.74 4.79
CA LYS A 319 -3.52 5.09 5.20
C LYS A 319 -2.43 5.76 6.01
N ALA A 320 -1.63 4.99 6.75
CA ALA A 320 -0.43 5.48 7.42
C ALA A 320 -0.75 6.61 8.40
N ARG A 321 -1.85 6.47 9.14
CA ARG A 321 -2.13 7.42 10.20
C ARG A 321 -1.16 7.18 11.37
N PRO A 322 -0.78 8.24 12.08
CA PRO A 322 0.05 8.05 13.26
C PRO A 322 -0.69 7.26 14.32
N LEU A 323 0.06 6.44 15.07
CA LEU A 323 -0.56 5.61 16.10
C LEU A 323 -1.17 6.47 17.21
N TYR A 324 -0.46 7.52 17.62
CA TYR A 324 -0.92 8.39 18.69
C TYR A 324 -0.72 9.84 18.27
N LEU A 325 -1.22 10.75 19.09
CA LEU A 325 -1.06 12.19 18.87
C LEU A 325 -0.85 12.84 20.22
N VAL A 326 0.41 13.14 20.54
CA VAL A 326 0.73 13.75 21.83
C VAL A 326 0.26 15.20 21.82
N SER A 327 -0.50 15.58 22.85
CA SER A 327 -1.01 16.93 22.97
C SER A 327 -0.05 17.84 23.73
N ASP A 328 0.32 17.45 24.95
CA ASP A 328 1.23 18.21 25.78
C ASP A 328 2.35 17.30 26.28
N LEU A 329 3.44 17.92 26.70
CA LEU A 329 4.59 17.19 27.24
C LEU A 329 5.15 17.95 28.43
N TRP A 330 5.45 17.21 29.50
CA TRP A 330 6.07 17.77 30.70
C TRP A 330 7.38 17.04 30.95
N GLY A 331 8.48 17.78 30.92
CA GLY A 331 9.79 17.22 31.16
C GLY A 331 10.42 16.54 29.97
N LEU A 332 9.77 16.56 28.81
CA LEU A 332 10.28 15.92 27.61
C LEU A 332 10.16 16.87 26.42
N GLU A 333 11.03 16.66 25.43
CA GLU A 333 10.97 17.40 24.19
C GLU A 333 10.16 16.63 23.17
N TYR A 334 9.52 17.36 22.25
CA TYR A 334 8.71 16.73 21.22
C TYR A 334 9.59 15.91 20.28
N LEU A 335 9.11 14.73 19.91
CA LEU A 335 9.83 13.90 18.97
C LEU A 335 9.85 14.57 17.60
N PRO A 336 10.99 14.52 16.88
CA PRO A 336 11.13 15.14 15.56
C PRO A 336 10.14 14.58 14.53
N THR B 25 22.69 10.26 31.23
CA THR B 25 22.32 8.97 30.65
C THR B 25 21.41 8.20 31.60
N ILE B 26 20.22 7.85 31.11
CA ILE B 26 19.23 7.13 31.90
C ILE B 26 19.39 5.63 31.66
N GLU B 27 19.53 4.88 32.75
CA GLU B 27 19.74 3.44 32.67
C GLU B 27 18.46 2.63 32.81
N LEU B 28 17.30 3.28 32.96
CA LEU B 28 16.05 2.56 33.15
C LEU B 28 14.88 3.53 32.93
N SER B 29 13.91 3.10 32.12
CA SER B 29 12.70 3.87 31.88
C SER B 29 11.49 3.03 32.27
N ILE B 30 10.61 3.59 33.09
CA ILE B 30 9.39 2.93 33.52
C ILE B 30 8.22 3.65 32.86
N VAL B 31 7.58 3.00 31.89
CA VAL B 31 6.49 3.59 31.13
C VAL B 31 5.18 3.12 31.75
N ILE B 32 4.34 4.06 32.15
CA ILE B 32 3.07 3.78 32.81
C ILE B 32 1.95 4.39 31.98
N PRO B 33 1.21 3.59 31.23
CA PRO B 33 -0.01 4.10 30.60
C PRO B 33 -1.10 4.28 31.65
N MET B 34 -1.84 5.38 31.55
CA MET B 34 -2.77 5.77 32.60
C MET B 34 -4.08 6.22 31.99
N TYR B 35 -5.19 5.82 32.62
CA TYR B 35 -6.52 6.26 32.18
C TYR B 35 -7.43 6.18 33.40
N ASN B 36 -7.88 7.34 33.88
CA ASN B 36 -8.74 7.43 35.06
C ASN B 36 -8.05 6.82 36.28
N GLU B 37 -6.73 6.94 36.34
CA GLU B 37 -5.95 6.36 37.43
C GLU B 37 -5.65 7.41 38.50
N GLU B 38 -6.72 7.90 39.11
CA GLU B 38 -6.62 8.65 40.35
C GLU B 38 -6.88 7.69 41.52
N ASP B 39 -6.51 8.14 42.72
CA ASP B 39 -6.55 7.32 43.93
C ASP B 39 -5.55 6.17 43.83
N ASN B 40 -4.80 6.14 42.72
CA ASN B 40 -3.73 5.16 42.51
C ASN B 40 -2.38 5.80 42.25
N LEU B 41 -2.32 7.13 42.15
CA LEU B 41 -1.05 7.78 41.87
C LEU B 41 -0.11 7.71 43.06
N GLU B 42 -0.63 7.98 44.27
CA GLU B 42 0.22 8.00 45.45
C GLU B 42 0.80 6.62 45.75
N HIS B 43 -0.03 5.58 45.69
CA HIS B 43 0.45 4.24 46.01
C HIS B 43 1.48 3.77 44.99
N LEU B 44 1.18 3.95 43.70
CA LEU B 44 2.11 3.53 42.66
C LEU B 44 3.42 4.29 42.74
N PHE B 45 3.35 5.62 42.92
CA PHE B 45 4.54 6.44 43.00
C PHE B 45 5.29 6.27 44.32
N ALA B 46 4.68 5.66 45.32
CA ALA B 46 5.42 5.32 46.53
C ALA B 46 6.15 3.99 46.36
N ARG B 47 5.45 2.99 45.82
CA ARG B 47 6.08 1.69 45.60
C ARG B 47 7.20 1.77 44.56
N LEU B 48 7.02 2.59 43.52
CA LEU B 48 8.02 2.71 42.49
C LEU B 48 9.33 3.26 43.04
N LEU B 49 9.25 4.29 43.89
CA LEU B 49 10.48 4.80 44.50
C LEU B 49 11.01 3.88 45.59
N GLU B 50 10.13 3.14 46.28
CA GLU B 50 10.63 2.12 47.20
C GLU B 50 11.40 1.02 46.49
N VAL B 51 11.09 0.76 45.22
CA VAL B 51 11.74 -0.31 44.46
C VAL B 51 12.96 0.18 43.69
N LEU B 52 12.86 1.34 43.04
CA LEU B 52 13.90 1.77 42.12
C LEU B 52 15.12 2.33 42.85
N THR B 53 14.90 3.07 43.94
CA THR B 53 16.03 3.70 44.63
C THR B 53 17.07 2.71 45.15
N PRO B 54 16.73 1.53 45.69
CA PRO B 54 17.79 0.58 46.06
C PRO B 54 18.66 0.14 44.90
N LEU B 55 18.14 0.18 43.67
CA LEU B 55 18.93 -0.20 42.51
C LEU B 55 20.11 0.75 42.28
N LYS B 56 20.02 1.98 42.76
CA LYS B 56 21.09 2.98 42.64
C LYS B 56 21.46 3.22 41.17
N ILE B 57 20.46 3.22 40.30
CA ILE B 57 20.64 3.53 38.90
C ILE B 57 19.70 4.65 38.52
N THR B 58 20.16 5.54 37.64
CA THR B 58 19.36 6.70 37.24
C THR B 58 18.15 6.23 36.44
N TYR B 59 16.97 6.31 37.05
CA TYR B 59 15.75 5.85 36.43
C TYR B 59 14.97 7.02 35.83
N GLU B 60 13.81 6.70 35.28
CA GLU B 60 12.96 7.70 34.63
C GLU B 60 11.56 7.13 34.51
N ILE B 61 10.58 7.82 35.08
CA ILE B 61 9.18 7.41 35.02
C ILE B 61 8.50 8.28 33.97
N ILE B 62 7.82 7.65 33.02
CA ILE B 62 7.11 8.32 31.95
C ILE B 62 5.66 7.91 32.02
N CYS B 63 4.80 8.83 32.44
CA CYS B 63 3.38 8.56 32.61
C CYS B 63 2.64 9.06 31.37
N VAL B 64 1.99 8.15 30.66
CA VAL B 64 1.29 8.47 29.43
C VAL B 64 -0.19 8.58 29.79
N ASN B 65 -0.65 9.81 29.94
CA ASN B 65 -2.06 10.06 30.23
C ASN B 65 -2.88 9.85 28.96
N ASP B 66 -3.58 8.73 28.88
CA ASP B 66 -4.30 8.34 27.66
C ASP B 66 -5.70 8.93 27.65
N GLY B 67 -5.76 10.27 27.67
CA GLY B 67 -7.01 10.99 27.53
C GLY B 67 -8.01 10.69 28.63
N SER B 68 -7.56 10.74 29.89
CA SER B 68 -8.45 10.45 31.01
C SER B 68 -9.51 11.54 31.13
N LYS B 69 -10.77 11.12 31.25
CA LYS B 69 -11.87 12.03 31.55
C LYS B 69 -12.02 12.19 33.06
N ASP B 70 -10.93 12.59 33.70
CA ASP B 70 -10.77 12.51 35.14
C ASP B 70 -9.61 13.42 35.53
N LYS B 71 -9.47 13.67 36.83
CA LYS B 71 -8.47 14.58 37.37
C LYS B 71 -7.07 13.96 37.45
N THR B 72 -6.81 12.89 36.69
CA THR B 72 -5.51 12.22 36.74
C THR B 72 -4.39 13.16 36.29
N LEU B 73 -4.63 13.94 35.24
CA LEU B 73 -3.56 14.77 34.68
C LEU B 73 -3.13 15.86 35.65
N LYS B 74 -4.07 16.43 36.42
CA LYS B 74 -3.71 17.46 37.37
C LYS B 74 -2.78 16.92 38.46
N GLN B 75 -3.10 15.74 39.00
CA GLN B 75 -2.23 15.14 40.00
C GLN B 75 -0.90 14.69 39.40
N LEU B 76 -0.92 14.24 38.15
CA LEU B 76 0.34 13.91 37.47
C LEU B 76 1.22 15.14 37.33
N ILE B 77 0.63 16.29 37.00
CA ILE B 77 1.40 17.53 36.91
C ILE B 77 1.92 17.94 38.29
N ASP B 78 1.12 17.73 39.33
CA ASP B 78 1.59 17.99 40.69
C ASP B 78 2.81 17.15 41.03
N CYS B 79 2.75 15.85 40.69
CA CYS B 79 3.89 14.98 40.95
C CYS B 79 5.09 15.36 40.09
N TYR B 80 4.84 15.84 38.87
CA TYR B 80 5.92 16.29 38.01
C TYR B 80 6.64 17.50 38.60
N GLN B 81 5.88 18.43 39.15
CA GLN B 81 6.52 19.54 39.88
C GLN B 81 7.27 19.02 41.11
N SER B 82 6.68 18.07 41.84
CA SER B 82 7.29 17.60 43.08
C SER B 82 8.59 16.85 42.83
N ASN B 83 8.63 15.99 41.82
CA ASN B 83 9.76 15.10 41.59
C ASN B 83 10.32 15.30 40.19
N ARG B 84 11.64 15.25 40.07
CA ARG B 84 12.31 15.53 38.81
C ARG B 84 12.42 14.33 37.88
N GLN B 85 12.01 13.14 38.34
CA GLN B 85 12.10 11.94 37.51
C GLN B 85 10.81 11.62 36.77
N ILE B 86 9.67 12.13 37.22
CA ILE B 86 8.38 11.85 36.58
C ILE B 86 8.17 12.84 35.45
N LYS B 87 8.01 12.30 34.23
CA LYS B 87 7.69 13.08 33.06
C LYS B 87 6.33 12.62 32.55
N ILE B 88 5.62 13.50 31.86
CA ILE B 88 4.25 13.26 31.44
C ILE B 88 4.17 13.36 29.92
N VAL B 89 3.57 12.35 29.30
CA VAL B 89 3.20 12.37 27.89
C VAL B 89 1.68 12.40 27.84
N ASN B 90 1.12 13.50 27.37
CA ASN B 90 -0.32 13.68 27.32
C ASN B 90 -0.81 13.43 25.90
N LEU B 91 -1.72 12.48 25.74
CA LEU B 91 -2.28 12.17 24.44
C LEU B 91 -3.54 12.98 24.19
N SER B 92 -3.80 13.27 22.92
CA SER B 92 -4.91 14.16 22.57
C SER B 92 -6.24 13.59 23.01
N ARG B 93 -6.45 12.30 22.81
CA ARG B 93 -7.67 11.63 23.23
C ARG B 93 -7.30 10.30 23.86
N ASN B 94 -8.30 9.46 24.13
CA ASN B 94 -8.06 8.12 24.65
C ASN B 94 -7.76 7.19 23.49
N PHE B 95 -6.53 6.66 23.45
CA PHE B 95 -6.10 5.81 22.35
C PHE B 95 -6.09 4.34 22.69
N GLY B 96 -5.98 3.98 23.97
CA GLY B 96 -5.89 2.59 24.39
C GLY B 96 -4.58 2.31 25.11
N LYS B 97 -4.57 1.15 25.77
CA LYS B 97 -3.39 0.78 26.55
C LYS B 97 -2.19 0.52 25.66
N GLU B 98 -2.38 -0.20 24.56
CA GLU B 98 -1.25 -0.54 23.69
C GLU B 98 -0.66 0.69 23.02
N ILE B 99 -1.52 1.58 22.51
CA ILE B 99 -1.01 2.77 21.84
C ILE B 99 -0.37 3.73 22.86
N ALA B 100 -0.93 3.81 24.06
CA ALA B 100 -0.29 4.61 25.11
C ALA B 100 1.07 4.05 25.47
N LEU B 101 1.19 2.72 25.53
CA LEU B 101 2.49 2.10 25.78
C LEU B 101 3.45 2.41 24.64
N SER B 102 2.98 2.38 23.41
CA SER B 102 3.84 2.74 22.27
C SER B 102 4.32 4.18 22.39
N ALA B 103 3.43 5.09 22.76
CA ALA B 103 3.82 6.49 22.91
C ALA B 103 4.83 6.66 24.03
N GLY B 104 4.64 5.96 25.14
CA GLY B 104 5.59 6.06 26.24
C GLY B 104 6.94 5.47 25.90
N ILE B 105 6.95 4.35 25.17
CA ILE B 105 8.21 3.72 24.79
C ILE B 105 8.95 4.59 23.78
N ASP B 106 8.21 5.24 22.87
CA ASP B 106 8.86 6.12 21.89
C ASP B 106 9.53 7.30 22.56
N TYR B 107 8.99 7.77 23.68
CA TYR B 107 9.55 8.90 24.42
C TYR B 107 10.50 8.48 25.53
N ALA B 108 10.76 7.18 25.68
CA ALA B 108 11.66 6.69 26.71
C ALA B 108 13.08 6.62 26.16
N GLN B 109 14.03 7.21 26.88
CA GLN B 109 15.42 7.25 26.47
C GLN B 109 16.31 6.34 27.31
N GLY B 110 15.73 5.54 28.19
CA GLY B 110 16.54 4.70 29.05
C GLY B 110 17.12 3.51 28.31
N ASN B 111 18.17 2.93 28.91
CA ASN B 111 18.80 1.75 28.32
C ASN B 111 17.90 0.53 28.40
N ALA B 112 16.92 0.53 29.30
CA ALA B 112 15.97 -0.57 29.43
C ALA B 112 14.61 0.03 29.76
N VAL B 113 13.62 -0.29 28.93
CA VAL B 113 12.27 0.25 29.08
C VAL B 113 11.41 -0.81 29.75
N ILE B 114 10.84 -0.48 30.90
CA ILE B 114 9.98 -1.40 31.63
C ILE B 114 8.55 -0.85 31.66
N PRO B 115 7.66 -1.33 30.80
CA PRO B 115 6.25 -0.96 30.93
C PRO B 115 5.68 -1.49 32.23
N ILE B 116 4.71 -0.76 32.78
CA ILE B 116 4.08 -1.15 34.04
C ILE B 116 2.67 -0.60 34.05
N ASP B 117 1.81 -1.26 34.82
CA ASP B 117 0.41 -0.88 34.95
C ASP B 117 0.23 -0.01 36.20
N ALA B 118 -0.62 1.02 36.07
CA ALA B 118 -0.79 1.97 37.15
C ALA B 118 -1.63 1.43 38.30
N ASP B 119 -2.39 0.35 38.09
CA ASP B 119 -3.17 -0.24 39.15
C ASP B 119 -2.36 -1.19 40.02
N LEU B 120 -1.09 -1.40 39.71
CA LEU B 120 -0.16 -2.18 40.52
C LEU B 120 -0.57 -3.64 40.65
N GLN B 121 -1.26 -4.17 39.64
CA GLN B 121 -1.59 -5.59 39.66
C GLN B 121 -0.31 -6.43 39.56
N ASP B 122 0.62 -6.03 38.72
CA ASP B 122 1.93 -6.66 38.66
C ASP B 122 2.87 -5.99 39.66
N PRO B 123 3.49 -6.75 40.56
CA PRO B 123 4.34 -6.14 41.59
C PRO B 123 5.48 -5.35 40.97
N PRO B 124 5.81 -4.19 41.53
CA PRO B 124 6.97 -3.44 41.04
C PRO B 124 8.30 -4.01 41.52
N GLU B 125 8.30 -4.76 42.62
CA GLU B 125 9.53 -5.39 43.10
C GLU B 125 10.15 -6.32 42.06
N LEU B 126 9.32 -6.94 41.23
CA LEU B 126 9.81 -7.78 40.15
C LEU B 126 10.76 -7.03 39.22
N ILE B 127 10.62 -5.70 39.13
CA ILE B 127 11.56 -4.90 38.35
C ILE B 127 12.99 -5.26 38.70
N HIS B 128 13.29 -5.38 40.00
CA HIS B 128 14.63 -5.77 40.42
C HIS B 128 15.07 -7.04 39.73
N GLU B 129 14.26 -8.09 39.82
CA GLU B 129 14.58 -9.35 39.15
C GLU B 129 14.77 -9.11 37.66
N LEU B 130 13.86 -8.36 37.04
CA LEU B 130 14.00 -8.04 35.62
C LEU B 130 15.35 -7.43 35.34
N VAL B 131 15.74 -6.42 36.13
CA VAL B 131 17.02 -5.78 35.92
C VAL B 131 18.15 -6.79 36.00
N ASP B 132 18.06 -7.71 36.96
CA ASP B 132 19.09 -8.74 37.08
C ASP B 132 19.19 -9.55 35.80
N LYS B 133 18.05 -9.97 35.26
CA LYS B 133 18.09 -10.76 34.03
C LYS B 133 18.56 -9.91 32.86
N TRP B 134 18.38 -8.58 32.97
CA TRP B 134 18.92 -7.70 31.95
C TRP B 134 20.43 -7.59 32.09
N ARG B 135 20.94 -7.64 33.32
CA ARG B 135 22.39 -7.60 33.51
C ARG B 135 23.03 -8.92 33.09
N GLU B 136 22.27 -10.01 33.15
CA GLU B 136 22.80 -11.32 32.81
C GLU B 136 23.05 -11.48 31.31
N GLY B 137 22.55 -10.57 30.49
CA GLY B 137 22.84 -10.60 29.07
C GLY B 137 21.62 -10.60 28.18
N TYR B 138 20.45 -10.89 28.74
CA TYR B 138 19.24 -11.04 27.95
C TYR B 138 18.72 -9.68 27.49
N ASP B 139 18.01 -9.69 26.36
CA ASP B 139 17.55 -8.48 25.71
C ASP B 139 16.08 -8.16 25.99
N ILE B 140 15.21 -9.17 25.98
CA ILE B 140 13.81 -9.00 26.35
C ILE B 140 13.52 -9.98 27.48
N VAL B 141 13.22 -9.46 28.66
CA VAL B 141 12.86 -10.28 29.81
C VAL B 141 11.37 -10.11 30.03
N TYR B 142 10.60 -11.13 29.65
CA TYR B 142 9.17 -11.10 29.90
C TYR B 142 8.88 -11.33 31.38
N ALA B 143 7.76 -10.81 31.85
CA ALA B 143 7.27 -11.06 33.19
C ALA B 143 5.99 -11.88 33.05
N THR B 144 6.09 -13.18 33.28
CA THR B 144 4.99 -14.09 33.04
C THR B 144 4.37 -14.55 34.35
N ARG B 145 3.04 -14.60 34.37
CA ARG B 145 2.33 -15.12 35.54
C ARG B 145 2.65 -16.59 35.73
N ARG B 146 2.81 -17.00 36.99
CA ARG B 146 3.10 -18.39 37.29
C ARG B 146 1.95 -19.29 36.84
N SER B 147 0.72 -18.87 37.09
CA SER B 147 -0.46 -19.59 36.65
C SER B 147 -1.64 -18.63 36.64
N ARG B 148 -2.62 -18.91 35.79
CA ARG B 148 -3.79 -18.04 35.70
C ARG B 148 -4.65 -18.13 36.95
N GLN B 149 -4.69 -19.31 37.57
CA GLN B 149 -5.30 -19.49 38.89
C GLN B 149 -6.79 -19.14 38.93
N GLY B 150 -7.10 -17.92 39.34
CA GLY B 150 -8.46 -17.58 39.72
C GLY B 150 -9.49 -17.79 38.63
N GLU B 151 -9.14 -17.43 37.39
CA GLU B 151 -10.11 -17.51 36.31
C GLU B 151 -10.44 -18.96 35.99
N THR B 152 -11.64 -19.16 35.43
CA THR B 152 -12.23 -20.49 35.27
C THR B 152 -11.46 -21.36 34.28
N TRP B 153 -11.85 -22.63 34.20
CA TRP B 153 -11.12 -23.58 33.36
C TRP B 153 -11.31 -23.27 31.88
N VAL B 154 -12.50 -22.85 31.47
CA VAL B 154 -12.76 -22.64 30.05
C VAL B 154 -11.96 -21.46 29.52
N LYS B 155 -11.80 -20.40 30.33
CA LYS B 155 -10.99 -19.27 29.91
C LYS B 155 -9.53 -19.67 29.76
N GLN B 156 -9.02 -20.46 30.71
CA GLN B 156 -7.64 -20.93 30.61
C GLN B 156 -7.45 -21.82 29.39
N PHE B 157 -8.43 -22.68 29.10
CA PHE B 157 -8.33 -23.54 27.92
C PHE B 157 -8.33 -22.72 26.64
N THR B 158 -9.20 -21.71 26.56
CA THR B 158 -9.23 -20.86 25.37
C THR B 158 -7.92 -20.11 25.20
N ALA B 159 -7.36 -19.59 26.30
CA ALA B 159 -6.08 -18.90 26.22
C ALA B 159 -4.97 -19.84 25.78
N LYS B 160 -4.95 -21.06 26.32
CA LYS B 160 -3.93 -22.03 25.92
C LYS B 160 -4.05 -22.39 24.45
N MET B 161 -5.28 -22.60 23.97
CA MET B 161 -5.47 -22.92 22.57
C MET B 161 -5.05 -21.77 21.66
N PHE B 162 -5.37 -20.54 22.05
CA PHE B 162 -4.96 -19.37 21.28
C PHE B 162 -3.44 -19.26 21.23
N TYR B 163 -2.78 -19.48 22.36
CA TYR B 163 -1.32 -19.41 22.39
C TYR B 163 -0.69 -20.52 21.56
N LYS B 164 -1.27 -21.71 21.60
CA LYS B 164 -0.79 -22.80 20.76
C LYS B 164 -0.94 -22.47 19.28
N VAL B 165 -2.06 -21.86 18.91
CA VAL B 165 -2.26 -21.44 17.52
C VAL B 165 -1.23 -20.40 17.12
N ILE B 166 -0.98 -19.43 18.01
CA ILE B 166 -0.04 -18.35 17.70
C ILE B 166 1.38 -18.89 17.58
N GLY B 167 1.73 -19.88 18.40
CA GLY B 167 3.11 -20.37 18.43
C GLY B 167 3.61 -20.83 17.07
N ARG B 168 2.76 -21.53 16.32
CA ARG B 168 3.14 -21.91 14.96
C ARG B 168 3.32 -20.69 14.07
N MET B 169 2.46 -19.68 14.24
CA MET B 169 2.56 -18.47 13.44
C MET B 169 3.81 -17.66 13.77
N THR B 170 4.36 -17.80 14.97
CA THR B 170 5.56 -17.11 15.36
C THR B 170 6.81 -17.89 14.95
N GLU B 171 7.97 -17.34 15.26
CA GLU B 171 9.26 -17.99 14.99
C GLU B 171 9.92 -18.49 16.26
N ILE B 172 9.91 -17.72 17.33
CA ILE B 172 10.40 -18.13 18.64
C ILE B 172 9.20 -18.23 19.57
N LYS B 173 9.08 -19.35 20.27
CA LYS B 173 7.93 -19.60 21.14
C LYS B 173 7.91 -18.59 22.28
N ILE B 174 6.95 -17.67 22.24
CA ILE B 174 6.81 -16.68 23.31
C ILE B 174 6.38 -17.40 24.58
N PRO B 175 6.89 -17.01 25.75
CA PRO B 175 6.48 -17.67 27.00
C PRO B 175 4.99 -17.55 27.22
N PRO B 176 4.35 -18.58 27.78
CA PRO B 176 2.92 -18.51 28.04
C PRO B 176 2.60 -17.56 29.19
N ASN B 177 1.35 -17.08 29.19
CA ASN B 177 0.84 -16.18 30.22
C ASN B 177 1.69 -14.91 30.32
N THR B 178 1.98 -14.32 29.16
CA THR B 178 2.71 -13.08 29.10
C THR B 178 1.76 -11.88 29.13
N GLY B 179 2.31 -10.72 29.48
CA GLY B 179 1.52 -9.50 29.52
C GLY B 179 2.30 -8.31 28.98
N ASP B 180 1.87 -7.11 29.36
CA ASP B 180 2.57 -5.90 28.95
C ASP B 180 3.68 -5.50 29.91
N PHE B 181 3.80 -6.18 31.06
CA PHE B 181 4.91 -5.98 31.98
C PHE B 181 6.11 -6.78 31.49
N ARG B 182 7.21 -6.10 31.22
CA ARG B 182 8.40 -6.75 30.66
C ARG B 182 9.58 -5.80 30.82
N LEU B 183 10.73 -6.19 30.29
CA LEU B 183 11.91 -5.34 30.20
C LEU B 183 12.45 -5.47 28.78
N MET B 184 12.55 -4.34 28.07
CA MET B 184 13.09 -4.30 26.72
C MET B 184 14.39 -3.51 26.75
N ASP B 185 15.46 -4.10 26.22
CA ASP B 185 16.71 -3.39 26.09
C ASP B 185 16.59 -2.35 24.99
N ARG B 186 17.50 -1.36 25.02
CA ARG B 186 17.48 -0.31 24.01
C ARG B 186 17.60 -0.88 22.60
N LYS B 187 18.35 -1.97 22.44
CA LYS B 187 18.43 -2.66 21.15
C LYS B 187 17.05 -3.08 20.67
N VAL B 188 16.29 -3.74 21.54
CA VAL B 188 14.97 -4.23 21.15
C VAL B 188 14.00 -3.07 20.94
N VAL B 189 14.12 -2.01 21.74
CA VAL B 189 13.24 -0.86 21.56
C VAL B 189 13.50 -0.22 20.20
N ASN B 190 14.77 -0.06 19.82
CA ASN B 190 15.09 0.49 18.51
C ASN B 190 14.61 -0.43 17.40
N ALA B 191 14.73 -1.74 17.60
CA ALA B 191 14.24 -2.69 16.60
C ALA B 191 12.72 -2.58 16.42
N ILE B 192 11.99 -2.45 17.52
CA ILE B 192 10.54 -2.34 17.45
C ILE B 192 10.13 -1.03 16.80
N LYS B 193 10.81 0.06 17.14
CA LYS B 193 10.54 1.34 16.48
C LYS B 193 10.86 1.28 14.99
N GLN B 194 11.71 0.35 14.57
CA GLN B 194 12.00 0.18 13.15
C GLN B 194 10.85 -0.47 12.39
N LEU B 195 9.87 -1.03 13.10
CA LEU B 195 8.72 -1.65 12.46
C LEU B 195 7.64 -0.60 12.26
N PRO B 196 7.42 -0.10 11.04
CA PRO B 196 6.42 0.96 10.80
C PRO B 196 5.02 0.40 10.53
N GLU B 197 4.57 -0.50 11.40
CA GLU B 197 3.25 -1.08 11.25
C GLU B 197 2.19 -0.23 11.94
N ARG B 198 1.02 -0.14 11.33
CA ARG B 198 -0.15 0.43 11.96
C ARG B 198 -1.06 -0.63 12.54
N THR B 199 -1.00 -1.86 12.00
CA THR B 199 -1.72 -3.00 12.54
C THR B 199 -0.71 -3.86 13.30
N ARG B 200 -0.46 -3.48 14.54
CA ARG B 200 0.58 -4.12 15.36
C ARG B 200 -0.06 -5.09 16.34
N PHE B 201 0.38 -6.34 16.29
CA PHE B 201 0.12 -7.32 17.33
C PHE B 201 1.42 -7.49 18.11
N MET B 202 1.53 -6.78 19.23
CA MET B 202 2.82 -6.65 19.90
C MET B 202 3.36 -7.99 20.38
N LYS B 203 2.47 -8.89 20.81
CA LYS B 203 2.93 -10.19 21.28
C LYS B 203 3.57 -11.00 20.17
N GLY B 204 3.21 -10.73 18.92
CA GLY B 204 3.85 -11.38 17.79
C GLY B 204 5.04 -10.59 17.28
N LEU B 205 4.98 -9.26 17.43
CA LEU B 205 6.09 -8.42 17.02
C LEU B 205 7.33 -8.67 17.87
N PHE B 206 7.15 -8.89 19.17
CA PHE B 206 8.29 -9.15 20.04
C PHE B 206 8.92 -10.51 19.75
N ALA B 207 8.19 -11.42 19.12
CA ALA B 207 8.76 -12.69 18.70
C ALA B 207 9.36 -12.62 17.31
N TRP B 208 8.82 -11.76 16.44
CA TRP B 208 9.41 -11.60 15.11
C TRP B 208 10.81 -11.01 15.18
N VAL B 209 11.00 -10.01 16.05
CA VAL B 209 12.27 -9.29 16.13
C VAL B 209 13.24 -10.06 17.02
N GLY B 210 12.88 -11.30 17.34
CA GLY B 210 13.43 -12.01 18.48
C GLY B 210 14.92 -11.91 18.72
N TYR B 211 15.26 -11.22 19.80
CA TYR B 211 16.62 -11.13 20.31
C TYR B 211 16.83 -12.24 21.35
N ARG B 212 17.87 -12.11 22.18
CA ARG B 212 18.09 -13.05 23.26
C ARG B 212 17.04 -12.84 24.36
N GLN B 213 15.91 -13.54 24.23
CA GLN B 213 14.77 -13.38 25.12
C GLN B 213 14.79 -14.40 26.26
N THR B 214 14.14 -14.03 27.36
CA THR B 214 13.95 -14.93 28.49
C THR B 214 12.69 -14.49 29.23
N PHE B 215 12.37 -15.17 30.33
CA PHE B 215 11.16 -14.88 31.08
C PHE B 215 11.42 -15.06 32.57
N VAL B 216 10.64 -14.32 33.37
CA VAL B 216 10.70 -14.41 34.83
C VAL B 216 9.29 -14.67 35.34
N LEU B 217 9.14 -15.68 36.18
CA LEU B 217 7.83 -16.06 36.70
C LEU B 217 7.47 -15.22 37.92
N PHE B 218 6.20 -14.83 38.00
CA PHE B 218 5.71 -14.07 39.14
C PHE B 218 4.23 -14.36 39.34
N ASP B 219 3.75 -14.01 40.53
CA ASP B 219 2.34 -14.15 40.87
C ASP B 219 1.71 -12.78 40.98
N ARG B 220 0.48 -12.65 40.49
CA ARG B 220 -0.20 -11.37 40.53
C ARG B 220 -0.55 -11.00 41.97
N GLU B 221 -0.92 -9.74 42.17
CA GLU B 221 -1.18 -9.24 43.51
C GLU B 221 -2.37 -9.98 44.14
N PRO B 222 -2.30 -10.32 45.42
CA PRO B 222 -3.44 -10.95 46.08
C PRO B 222 -4.65 -10.03 46.08
N ARG B 223 -5.84 -10.64 46.05
CA ARG B 223 -7.15 -9.99 45.95
C ARG B 223 -7.35 -9.29 44.61
N PHE B 224 -6.40 -9.40 43.69
CA PHE B 224 -6.47 -8.76 42.38
C PHE B 224 -6.60 -9.78 41.26
N GLN B 225 -7.30 -10.89 41.53
CA GLN B 225 -7.44 -11.97 40.57
C GLN B 225 -8.87 -12.16 40.08
N GLY B 226 -9.80 -12.39 41.01
CA GLY B 226 -11.17 -12.73 40.64
C GLY B 226 -12.15 -11.58 40.57
N GLN B 227 -11.83 -10.55 39.77
CA GLN B 227 -12.76 -9.43 39.61
C GLN B 227 -12.84 -8.94 38.16
N THR B 228 -12.22 -9.66 37.23
CA THR B 228 -12.14 -9.22 35.84
C THR B 228 -13.26 -9.88 35.04
N LYS B 229 -14.28 -9.10 34.70
CA LYS B 229 -15.33 -9.56 33.79
C LYS B 229 -14.85 -9.32 32.36
N TRP B 230 -14.58 -10.40 31.63
CA TRP B 230 -14.05 -10.27 30.29
C TRP B 230 -15.08 -9.62 29.37
N ASN B 231 -14.60 -8.73 28.50
CA ASN B 231 -15.44 -8.11 27.48
C ASN B 231 -15.33 -8.97 26.23
N TYR B 232 -16.39 -9.74 25.94
CA TYR B 232 -16.33 -10.66 24.82
C TYR B 232 -16.09 -9.94 23.51
N TRP B 233 -16.65 -8.74 23.34
CA TRP B 233 -16.37 -7.97 22.13
C TRP B 233 -14.91 -7.53 22.08
N LYS B 234 -14.38 -7.04 23.21
CA LYS B 234 -12.98 -6.60 23.23
C LYS B 234 -12.03 -7.78 23.09
N LEU B 235 -12.34 -8.90 23.76
CA LEU B 235 -11.51 -10.09 23.60
C LEU B 235 -11.55 -10.60 22.17
N TRP B 236 -12.73 -10.58 21.55
CA TRP B 236 -12.86 -10.99 20.16
C TRP B 236 -12.04 -10.10 19.24
N ASN B 237 -12.11 -8.77 19.46
CA ASN B 237 -11.33 -7.85 18.63
C ASN B 237 -9.83 -8.07 18.81
N PHE B 238 -9.40 -8.29 20.06
CA PHE B 238 -7.98 -8.55 20.31
C PHE B 238 -7.53 -9.84 19.65
N ALA B 239 -8.35 -10.90 19.74
CA ALA B 239 -7.99 -12.17 19.14
C ALA B 239 -7.94 -12.06 17.61
N LEU B 240 -8.88 -11.33 17.02
CA LEU B 240 -8.86 -11.14 15.58
C LEU B 240 -7.69 -10.29 15.13
N ASP B 241 -7.30 -9.30 15.94
CA ASP B 241 -6.08 -8.55 15.64
C ASP B 241 -4.86 -9.45 15.68
N GLY B 242 -4.81 -10.34 16.67
CA GLY B 242 -3.69 -11.28 16.74
C GLY B 242 -3.65 -12.23 15.56
N ILE B 243 -4.81 -12.73 15.14
CA ILE B 243 -4.87 -13.69 14.03
C ILE B 243 -4.55 -13.02 12.70
N PHE B 244 -5.11 -11.84 12.46
CA PHE B 244 -5.12 -11.25 11.12
C PHE B 244 -4.11 -10.13 10.92
N SER B 245 -3.70 -9.43 11.97
CA SER B 245 -2.81 -8.29 11.83
C SER B 245 -1.35 -8.63 12.13
N PHE B 246 -1.03 -9.90 12.26
CA PHE B 246 0.33 -10.32 12.57
C PHE B 246 0.93 -11.17 11.46
N SER B 247 0.23 -12.20 11.00
CA SER B 247 0.80 -13.16 10.06
C SER B 247 -0.17 -13.43 8.93
N LEU B 248 0.38 -13.93 7.83
CA LEU B 248 -0.41 -14.35 6.68
C LEU B 248 -0.78 -15.83 6.74
N LEU B 249 -0.40 -16.53 7.80
CA LEU B 249 -0.67 -17.96 7.88
C LEU B 249 -2.15 -18.32 7.80
N PRO B 250 -3.07 -17.64 8.49
CA PRO B 250 -4.49 -17.93 8.24
C PRO B 250 -4.89 -17.72 6.81
N LEU B 251 -4.39 -16.67 6.16
CA LEU B 251 -4.71 -16.42 4.76
C LEU B 251 -4.21 -17.53 3.86
N LYS B 252 -2.95 -17.95 4.05
CA LYS B 252 -2.39 -19.00 3.21
C LYS B 252 -3.08 -20.33 3.46
N VAL B 253 -3.40 -20.62 4.72
CA VAL B 253 -4.08 -21.87 5.05
C VAL B 253 -5.45 -21.91 4.39
N TRP B 254 -6.21 -20.80 4.47
CA TRP B 254 -7.52 -20.82 3.85
C TRP B 254 -7.44 -20.77 2.33
N THR B 255 -6.42 -20.12 1.77
CA THR B 255 -6.24 -20.16 0.32
C THR B 255 -5.98 -21.59 -0.14
N TYR B 256 -5.13 -22.31 0.59
CA TYR B 256 -4.90 -23.72 0.26
C TYR B 256 -6.18 -24.53 0.39
N LEU B 257 -6.92 -24.32 1.48
CA LEU B 257 -8.14 -25.08 1.71
C LEU B 257 -9.16 -24.82 0.61
N GLY B 258 -9.31 -23.56 0.20
CA GLY B 258 -10.15 -23.24 -0.93
C GLY B 258 -9.64 -23.85 -2.22
N SER B 259 -8.32 -23.97 -2.37
CA SER B 259 -7.78 -24.62 -3.56
C SER B 259 -8.16 -26.09 -3.61
N ILE B 260 -8.05 -26.80 -2.49
CA ILE B 260 -8.50 -28.20 -2.46
C ILE B 260 -10.00 -28.30 -2.74
N ILE B 261 -10.80 -27.43 -2.12
CA ILE B 261 -12.25 -27.50 -2.37
C ILE B 261 -12.56 -27.21 -3.83
N SER B 262 -11.86 -26.24 -4.43
CA SER B 262 -12.08 -25.93 -5.84
C SER B 262 -11.68 -27.09 -6.74
N LEU B 263 -10.55 -27.72 -6.46
CA LEU B 263 -10.13 -28.86 -7.27
C LEU B 263 -11.11 -30.02 -7.15
N LEU B 264 -11.59 -30.28 -5.93
CA LEU B 264 -12.58 -31.34 -5.75
C LEU B 264 -13.88 -31.02 -6.48
N SER B 265 -14.32 -29.76 -6.42
CA SER B 265 -15.55 -29.38 -7.12
C SER B 265 -15.39 -29.54 -8.62
N LEU B 266 -14.25 -29.10 -9.18
CA LEU B 266 -14.04 -29.23 -10.61
C LEU B 266 -13.95 -30.70 -11.02
N ALA B 267 -13.28 -31.53 -10.20
CA ALA B 267 -13.17 -32.94 -10.52
C ALA B 267 -14.53 -33.63 -10.47
N TYR B 268 -15.36 -33.28 -9.49
CA TYR B 268 -16.69 -33.86 -9.40
C TYR B 268 -17.57 -33.38 -10.55
N ALA B 269 -17.41 -32.13 -10.98
CA ALA B 269 -18.13 -31.65 -12.14
C ALA B 269 -17.74 -32.41 -13.39
N SER B 270 -16.44 -32.65 -13.58
CA SER B 270 -15.99 -33.43 -14.73
C SER B 270 -16.49 -34.87 -14.66
N PHE B 271 -16.50 -35.45 -13.45
CA PHE B 271 -17.03 -36.80 -13.30
C PHE B 271 -18.52 -36.85 -13.63
N LEU B 272 -19.27 -35.83 -13.24
CA LEU B 272 -20.69 -35.79 -13.57
C LEU B 272 -20.90 -35.61 -15.07
N ILE B 273 -20.05 -34.80 -15.71
CA ILE B 273 -20.12 -34.67 -17.17
C ILE B 273 -19.87 -36.04 -17.82
N LEU B 274 -18.90 -36.78 -17.31
CA LEU B 274 -18.66 -38.13 -17.83
C LEU B 274 -19.87 -39.03 -17.62
N LYS B 275 -20.40 -39.07 -16.40
CA LYS B 275 -21.52 -39.95 -16.10
C LYS B 275 -22.76 -39.60 -16.91
N THR B 276 -22.92 -38.32 -17.26
CA THR B 276 -24.03 -37.90 -18.12
C THR B 276 -23.72 -38.06 -19.60
N ILE B 277 -22.45 -38.28 -19.97
CA ILE B 277 -22.08 -38.55 -21.35
C ILE B 277 -21.68 -40.02 -21.53
N THR B 278 -20.69 -40.49 -20.76
CA THR B 278 -20.43 -41.92 -20.68
C THR B 278 -21.56 -42.59 -19.91
N LEU B 279 -21.96 -43.77 -20.39
CA LEU B 279 -23.11 -44.54 -19.90
C LEU B 279 -24.42 -43.89 -20.32
N GLY B 280 -24.35 -42.68 -20.89
CA GLY B 280 -25.51 -41.98 -21.39
C GLY B 280 -26.66 -41.79 -20.42
N VAL B 281 -26.46 -42.05 -19.13
CA VAL B 281 -27.56 -42.07 -18.18
C VAL B 281 -27.78 -40.68 -17.59
N ASP B 282 -28.86 -40.03 -18.01
CA ASP B 282 -29.36 -38.85 -17.32
C ASP B 282 -30.67 -39.21 -16.62
N VAL B 283 -30.61 -39.31 -15.29
CA VAL B 283 -31.73 -39.86 -14.53
C VAL B 283 -32.85 -38.82 -14.36
N PRO B 284 -32.67 -37.74 -13.60
CA PRO B 284 -33.64 -36.69 -13.61
C PRO B 284 -33.96 -36.08 -14.96
N GLY B 285 -32.91 -35.75 -15.72
CA GLY B 285 -33.03 -34.92 -16.89
C GLY B 285 -32.72 -33.46 -16.65
N TYR B 286 -32.32 -33.11 -15.44
CA TYR B 286 -32.02 -31.72 -15.08
C TYR B 286 -30.75 -31.62 -14.24
N ALA B 287 -29.81 -32.54 -14.44
CA ALA B 287 -28.61 -32.59 -13.61
C ALA B 287 -27.47 -31.74 -14.15
N SER B 288 -27.69 -31.00 -15.24
CA SER B 288 -26.70 -30.01 -15.66
C SER B 288 -26.62 -28.85 -14.67
N LEU B 289 -27.65 -28.68 -13.83
CA LEU B 289 -27.60 -27.67 -12.78
C LEU B 289 -26.42 -27.89 -11.86
N MET B 290 -26.20 -29.14 -11.43
CA MET B 290 -25.10 -29.41 -10.50
C MET B 290 -23.76 -29.20 -11.16
N VAL B 291 -23.63 -29.57 -12.44
CA VAL B 291 -22.38 -29.33 -13.15
C VAL B 291 -22.09 -27.84 -13.23
N ALA B 292 -23.11 -27.05 -13.59
CA ALA B 292 -22.91 -25.60 -13.67
C ALA B 292 -22.53 -25.02 -12.31
N ILE B 293 -23.24 -25.44 -11.26
CA ILE B 293 -22.96 -24.93 -9.92
C ILE B 293 -21.54 -25.26 -9.51
N LEU B 294 -21.15 -26.53 -9.66
CA LEU B 294 -19.83 -26.96 -9.24
C LEU B 294 -18.73 -26.25 -10.02
N PHE B 295 -18.91 -26.14 -11.34
CA PHE B 295 -17.88 -25.52 -12.17
C PHE B 295 -17.74 -24.04 -11.86
N LEU B 296 -18.86 -23.32 -11.75
CA LEU B 296 -18.79 -21.90 -11.44
C LEU B 296 -18.21 -21.67 -10.05
N GLY B 297 -18.61 -22.50 -9.07
CA GLY B 297 -18.04 -22.35 -7.74
C GLY B 297 -16.56 -22.63 -7.70
N GLY B 298 -16.10 -23.66 -8.43
CA GLY B 298 -14.68 -23.95 -8.48
C GLY B 298 -13.89 -22.84 -9.15
N VAL B 299 -14.40 -22.29 -10.25
CA VAL B 299 -13.70 -21.19 -10.91
C VAL B 299 -13.65 -19.97 -10.01
N GLN B 300 -14.76 -19.65 -9.34
CA GLN B 300 -14.78 -18.51 -8.43
C GLN B 300 -13.84 -18.73 -7.26
N LEU B 301 -13.71 -19.97 -6.79
CA LEU B 301 -12.82 -20.25 -5.68
C LEU B 301 -11.36 -20.15 -6.10
N ILE B 302 -11.04 -20.59 -7.33
CA ILE B 302 -9.68 -20.40 -7.83
C ILE B 302 -9.37 -18.90 -7.96
N SER B 303 -10.33 -18.13 -8.47
CA SER B 303 -10.13 -16.69 -8.57
C SER B 303 -9.94 -16.06 -7.20
N LEU B 304 -10.73 -16.48 -6.22
CA LEU B 304 -10.61 -15.95 -4.87
C LEU B 304 -9.27 -16.36 -4.24
N GLY B 305 -8.79 -17.56 -4.54
CA GLY B 305 -7.49 -17.97 -4.04
C GLY B 305 -6.35 -17.15 -4.62
N VAL B 306 -6.41 -16.88 -5.92
CA VAL B 306 -5.41 -16.03 -6.55
C VAL B 306 -5.46 -14.63 -5.95
N ILE B 307 -6.66 -14.08 -5.78
CA ILE B 307 -6.83 -12.76 -5.19
C ILE B 307 -6.29 -12.75 -3.76
N GLY B 308 -6.53 -13.82 -3.00
CA GLY B 308 -6.04 -13.88 -1.64
C GLY B 308 -4.53 -13.96 -1.56
N GLU B 309 -3.92 -14.75 -2.44
CA GLU B 309 -2.46 -14.83 -2.46
C GLU B 309 -1.84 -13.48 -2.79
N TYR B 310 -2.39 -12.79 -3.79
CA TYR B 310 -1.84 -11.49 -4.15
C TYR B 310 -2.14 -10.44 -3.09
N LEU B 311 -3.28 -10.56 -2.40
CA LEU B 311 -3.56 -9.66 -1.28
C LEU B 311 -2.59 -9.88 -0.14
N GLY B 312 -2.21 -11.14 0.12
CA GLY B 312 -1.20 -11.40 1.12
C GLY B 312 0.15 -10.85 0.74
N ARG B 313 0.52 -10.95 -0.54
CA ARG B 313 1.77 -10.34 -0.98
C ARG B 313 1.72 -8.82 -0.83
N VAL B 314 0.58 -8.21 -1.16
CA VAL B 314 0.42 -6.76 -0.98
C VAL B 314 0.51 -6.40 0.49
N TYR B 315 -0.06 -7.23 1.37
CA TYR B 315 -0.01 -7.00 2.81
C TYR B 315 1.43 -7.04 3.31
N GLU B 316 2.20 -8.04 2.84
CA GLU B 316 3.61 -8.13 3.23
C GLU B 316 4.39 -6.91 2.73
N GLU B 317 4.13 -6.48 1.50
CA GLU B 317 4.81 -5.31 0.97
C GLU B 317 4.45 -4.06 1.75
N VAL B 318 3.18 -3.90 2.11
CA VAL B 318 2.70 -2.68 2.74
C VAL B 318 3.16 -2.59 4.19
N LYS B 319 3.22 -3.73 4.89
CA LYS B 319 3.70 -3.73 6.27
C LYS B 319 5.12 -3.18 6.37
N ALA B 320 5.94 -3.42 5.36
CA ALA B 320 7.26 -2.80 5.22
C ALA B 320 8.18 -3.12 6.40
N ARG B 321 8.09 -4.33 6.95
CA ARG B 321 9.05 -4.74 7.95
C ARG B 321 10.43 -4.89 7.32
N PRO B 322 11.50 -4.53 8.04
CA PRO B 322 12.83 -4.77 7.52
C PRO B 322 13.07 -6.26 7.29
N LEU B 323 13.86 -6.56 6.26
CA LEU B 323 14.13 -7.95 5.94
C LEU B 323 14.85 -8.66 7.09
N TYR B 324 15.81 -7.98 7.70
CA TYR B 324 16.63 -8.55 8.75
C TYR B 324 16.76 -7.55 9.90
N LEU B 325 17.26 -8.03 11.03
CA LEU B 325 17.56 -7.18 12.17
C LEU B 325 18.92 -7.56 12.72
N VAL B 326 19.81 -6.59 12.82
CA VAL B 326 21.18 -6.83 13.26
C VAL B 326 21.27 -6.62 14.75
N SER B 327 21.83 -7.61 15.46
CA SER B 327 21.99 -7.52 16.90
C SER B 327 23.37 -6.97 17.26
N ASP B 328 24.43 -7.61 16.80
CA ASP B 328 25.79 -7.18 17.05
C ASP B 328 26.55 -7.08 15.73
N LEU B 329 27.57 -6.23 15.72
CA LEU B 329 28.44 -6.06 14.57
C LEU B 329 29.89 -6.06 15.01
N TRP B 330 30.75 -6.58 14.16
CA TRP B 330 32.19 -6.61 14.43
C TRP B 330 32.93 -6.21 13.16
N GLY B 331 33.62 -5.07 13.22
CA GLY B 331 34.36 -4.57 12.09
C GLY B 331 33.59 -3.66 11.17
N LEU B 332 32.28 -3.51 11.38
CA LEU B 332 31.45 -2.67 10.53
C LEU B 332 30.64 -1.72 11.40
N GLU B 333 30.31 -0.56 10.84
CA GLU B 333 29.44 0.40 11.49
C GLU B 333 27.99 0.18 11.05
N TYR B 334 27.07 0.48 11.95
CA TYR B 334 25.65 0.30 11.65
C TYR B 334 25.21 1.22 10.53
N LEU B 335 24.37 0.68 9.64
CA LEU B 335 23.81 1.50 8.57
C LEU B 335 22.80 2.49 9.13
N PRO B 336 22.68 3.67 8.50
CA PRO B 336 21.69 4.68 8.93
C PRO B 336 20.26 4.23 8.63
N THR C 25 40.48 1.57 0.21
CA THR C 25 39.22 1.10 -0.37
C THR C 25 39.20 -0.42 -0.46
N ILE C 26 38.02 -0.98 -0.69
CA ILE C 26 37.83 -2.43 -0.78
C ILE C 26 37.39 -2.76 -2.20
N GLU C 27 38.15 -3.63 -2.87
CA GLU C 27 37.84 -4.02 -4.23
C GLU C 27 36.85 -5.17 -4.30
N LEU C 28 37.04 -6.19 -3.46
CA LEU C 28 36.22 -7.39 -3.48
C LEU C 28 35.65 -7.66 -2.10
N SER C 29 34.38 -8.04 -2.07
CA SER C 29 33.70 -8.45 -0.85
C SER C 29 33.21 -9.88 -1.02
N ILE C 30 33.45 -10.72 -0.03
CA ILE C 30 32.97 -12.10 -0.03
C ILE C 30 31.97 -12.24 1.10
N VAL C 31 30.71 -12.46 0.76
CA VAL C 31 29.63 -12.55 1.74
C VAL C 31 29.33 -14.01 1.99
N ILE C 32 29.48 -14.44 3.23
CA ILE C 32 29.24 -15.82 3.64
C ILE C 32 28.14 -15.83 4.68
N PRO C 33 26.93 -16.25 4.31
CA PRO C 33 25.90 -16.51 5.34
C PRO C 33 26.16 -17.86 5.99
N MET C 34 26.23 -17.86 7.31
CA MET C 34 26.53 -19.06 8.08
C MET C 34 25.41 -19.35 9.07
N TYR C 35 25.07 -20.65 9.18
CA TYR C 35 24.09 -21.12 10.15
C TYR C 35 24.53 -22.50 10.59
N ASN C 36 25.00 -22.61 11.84
CA ASN C 36 25.52 -23.86 12.39
C ASN C 36 26.67 -24.39 11.52
N GLU C 37 27.75 -23.64 11.50
CA GLU C 37 28.90 -23.94 10.65
C GLU C 37 30.19 -23.95 11.45
N GLU C 38 30.23 -24.69 12.55
CA GLU C 38 31.53 -24.87 13.18
C GLU C 38 32.32 -25.93 12.42
N ASP C 39 33.63 -25.94 12.66
CA ASP C 39 34.52 -26.95 12.10
C ASP C 39 34.54 -26.88 10.58
N ASN C 40 33.79 -25.92 10.03
CA ASN C 40 33.85 -25.55 8.63
C ASN C 40 34.52 -24.20 8.42
N LEU C 41 34.74 -23.44 9.50
CA LEU C 41 35.30 -22.10 9.37
C LEU C 41 36.78 -22.15 9.04
N GLU C 42 37.52 -23.05 9.68
CA GLU C 42 38.95 -23.14 9.43
C GLU C 42 39.23 -23.49 7.97
N HIS C 43 38.55 -24.52 7.46
CA HIS C 43 38.76 -24.95 6.09
C HIS C 43 38.30 -23.87 5.11
N LEU C 44 37.15 -23.27 5.37
CA LEU C 44 36.63 -22.24 4.47
C LEU C 44 37.56 -21.04 4.40
N PHE C 45 38.05 -20.58 5.55
CA PHE C 45 38.93 -19.43 5.55
C PHE C 45 40.30 -19.76 4.98
N ALA C 46 40.78 -20.99 5.17
CA ALA C 46 42.02 -21.40 4.52
C ALA C 46 41.88 -21.38 3.00
N ARG C 47 40.77 -21.91 2.49
CA ARG C 47 40.54 -21.90 1.05
C ARG C 47 40.40 -20.47 0.53
N LEU C 48 39.69 -19.61 1.27
CA LEU C 48 39.54 -18.22 0.84
C LEU C 48 40.88 -17.49 0.85
N LEU C 49 41.74 -17.81 1.81
CA LEU C 49 43.08 -17.22 1.81
C LEU C 49 43.90 -17.72 0.63
N GLU C 50 43.78 -19.01 0.30
CA GLU C 50 44.48 -19.54 -0.87
C GLU C 50 44.00 -18.87 -2.16
N VAL C 51 42.71 -18.53 -2.23
CA VAL C 51 42.16 -17.97 -3.46
C VAL C 51 42.41 -16.46 -3.57
N LEU C 52 42.21 -15.71 -2.49
CA LEU C 52 42.16 -14.26 -2.57
C LEU C 52 43.52 -13.59 -2.49
N THR C 53 44.56 -14.29 -2.05
CA THR C 53 45.88 -13.66 -1.99
C THR C 53 46.57 -13.56 -3.35
N PRO C 54 46.45 -14.53 -4.26
CA PRO C 54 47.02 -14.33 -5.60
C PRO C 54 46.40 -13.17 -6.36
N LEU C 55 45.17 -12.79 -6.05
CA LEU C 55 44.52 -11.69 -6.77
C LEU C 55 45.23 -10.36 -6.56
N LYS C 56 45.97 -10.21 -5.45
CA LYS C 56 46.74 -9.00 -5.17
C LYS C 56 45.84 -7.76 -5.13
N ILE C 57 44.65 -7.91 -4.58
CA ILE C 57 43.71 -6.82 -4.43
C ILE C 57 43.23 -6.76 -2.99
N THR C 58 42.78 -5.58 -2.58
CA THR C 58 42.22 -5.40 -1.26
C THR C 58 40.81 -6.00 -1.23
N TYR C 59 40.55 -6.86 -0.24
CA TYR C 59 39.28 -7.56 -0.17
C TYR C 59 38.79 -7.56 1.27
N GLU C 60 37.59 -8.09 1.47
CA GLU C 60 37.01 -8.23 2.79
C GLU C 60 36.08 -9.44 2.79
N ILE C 61 35.82 -9.97 3.97
CA ILE C 61 34.98 -11.15 4.15
C ILE C 61 33.91 -10.81 5.18
N ILE C 62 32.67 -10.69 4.71
CA ILE C 62 31.52 -10.36 5.55
C ILE C 62 30.82 -11.65 5.91
N CYS C 63 30.92 -12.06 7.16
CA CYS C 63 30.31 -13.29 7.66
C CYS C 63 29.01 -12.92 8.36
N VAL C 64 27.90 -13.40 7.81
CA VAL C 64 26.58 -13.09 8.35
C VAL C 64 26.17 -14.31 9.18
N ASN C 65 26.31 -14.18 10.49
CA ASN C 65 25.85 -15.22 11.40
C ASN C 65 24.34 -15.15 11.50
N ASP C 66 23.65 -16.13 10.92
CA ASP C 66 22.20 -16.08 10.78
C ASP C 66 21.52 -16.71 11.99
N GLY C 67 21.84 -16.16 13.17
CA GLY C 67 21.20 -16.59 14.39
C GLY C 67 21.38 -18.06 14.69
N SER C 68 22.61 -18.55 14.54
CA SER C 68 22.88 -19.96 14.77
C SER C 68 22.64 -20.34 16.23
N LYS C 69 22.14 -21.55 16.44
CA LYS C 69 21.98 -22.11 17.77
C LYS C 69 23.17 -22.97 18.15
N ASP C 70 24.34 -22.60 17.67
CA ASP C 70 25.52 -23.45 17.71
C ASP C 70 26.72 -22.57 18.03
N LYS C 71 27.77 -23.19 18.56
CA LYS C 71 29.00 -22.49 18.94
C LYS C 71 29.81 -22.21 17.67
N THR C 72 29.37 -21.21 16.94
CA THR C 72 30.07 -20.73 15.75
C THR C 72 30.34 -19.24 15.77
N LEU C 73 29.54 -18.48 16.51
CA LEU C 73 29.83 -17.06 16.68
C LEU C 73 31.12 -16.86 17.45
N LYS C 74 31.40 -17.73 18.42
CA LYS C 74 32.66 -17.64 19.16
C LYS C 74 33.86 -17.90 18.26
N GLN C 75 33.76 -18.88 17.36
CA GLN C 75 34.85 -19.14 16.43
C GLN C 75 35.00 -18.01 15.43
N LEU C 76 33.88 -17.42 15.01
CA LEU C 76 33.96 -16.26 14.13
C LEU C 76 34.64 -15.10 14.84
N ILE C 77 34.36 -14.91 16.13
CA ILE C 77 35.04 -13.88 16.91
C ILE C 77 36.53 -14.17 16.99
N ASP C 78 36.90 -15.43 17.22
CA ASP C 78 38.30 -15.79 17.30
C ASP C 78 39.02 -15.53 15.99
N CYS C 79 38.38 -15.84 14.86
CA CYS C 79 38.99 -15.56 13.56
C CYS C 79 39.06 -14.06 13.29
N TYR C 80 38.04 -13.32 13.70
CA TYR C 80 38.01 -11.88 13.44
C TYR C 80 39.07 -11.15 14.24
N GLN C 81 39.34 -11.61 15.47
CA GLN C 81 40.34 -10.93 16.29
C GLN C 81 41.73 -11.03 15.67
N SER C 82 42.10 -12.21 15.17
CA SER C 82 43.43 -12.40 14.62
C SER C 82 43.55 -11.85 13.19
N ASN C 83 42.48 -11.93 12.42
CA ASN C 83 42.51 -11.58 11.01
C ASN C 83 41.76 -10.27 10.78
N ARG C 84 42.45 -9.30 10.17
CA ARG C 84 41.90 -7.97 9.98
C ARG C 84 40.89 -7.88 8.85
N GLN C 85 40.77 -8.91 8.02
CA GLN C 85 39.90 -8.87 6.85
C GLN C 85 38.52 -9.47 7.11
N ILE C 86 38.24 -9.90 8.34
CA ILE C 86 36.97 -10.54 8.67
C ILE C 86 36.07 -9.53 9.37
N LYS C 87 34.85 -9.38 8.88
CA LYS C 87 33.83 -8.57 9.51
C LYS C 87 32.62 -9.45 9.74
N ILE C 88 31.90 -9.23 10.83
CA ILE C 88 30.80 -10.10 11.25
C ILE C 88 29.53 -9.29 11.39
N VAL C 89 28.46 -9.76 10.75
CA VAL C 89 27.12 -9.22 10.93
C VAL C 89 26.33 -10.30 11.66
N ASN C 90 25.96 -10.02 12.91
CA ASN C 90 25.24 -10.98 13.73
C ASN C 90 23.75 -10.63 13.71
N LEU C 91 22.95 -11.44 13.02
CA LEU C 91 21.52 -11.20 12.97
C LEU C 91 20.87 -11.56 14.30
N SER C 92 19.80 -10.82 14.63
CA SER C 92 19.10 -11.06 15.89
C SER C 92 18.46 -12.44 15.92
N ARG C 93 17.88 -12.87 14.80
CA ARG C 93 17.17 -14.14 14.72
C ARG C 93 17.72 -14.98 13.58
N ASN C 94 17.08 -16.11 13.29
CA ASN C 94 17.38 -16.89 12.10
C ASN C 94 16.39 -16.48 11.01
N PHE C 95 16.89 -15.77 10.00
CA PHE C 95 16.04 -15.22 8.95
C PHE C 95 16.06 -16.03 7.67
N GLY C 96 17.09 -16.85 7.45
CA GLY C 96 17.20 -17.63 6.24
C GLY C 96 18.37 -17.19 5.38
N LYS C 97 18.76 -18.09 4.47
CA LYS C 97 19.96 -17.85 3.66
C LYS C 97 19.80 -16.61 2.78
N GLU C 98 18.63 -16.43 2.17
CA GLU C 98 18.44 -15.28 1.29
C GLU C 98 18.49 -13.97 2.06
N ILE C 99 17.85 -13.93 3.23
CA ILE C 99 17.84 -12.70 4.01
C ILE C 99 19.22 -12.41 4.60
N ALA C 100 19.93 -13.45 5.03
CA ALA C 100 21.31 -13.26 5.51
C ALA C 100 22.20 -12.74 4.38
N LEU C 101 22.03 -13.28 3.18
CA LEU C 101 22.77 -12.77 2.02
C LEU C 101 22.44 -11.31 1.77
N SER C 102 21.16 -10.94 1.86
CA SER C 102 20.77 -9.54 1.68
C SER C 102 21.43 -8.65 2.73
N ALA C 103 21.46 -9.09 3.98
CA ALA C 103 22.10 -8.31 5.03
C ALA C 103 23.58 -8.13 4.77
N GLY C 104 24.27 -9.21 4.41
CA GLY C 104 25.68 -9.10 4.11
C GLY C 104 25.96 -8.19 2.93
N ILE C 105 25.13 -8.27 1.89
CA ILE C 105 25.32 -7.42 0.71
C ILE C 105 25.05 -5.97 1.06
N ASP C 106 24.07 -5.71 1.94
CA ASP C 106 23.85 -4.35 2.42
C ASP C 106 25.06 -3.84 3.19
N TYR C 107 25.70 -4.69 3.97
CA TYR C 107 26.87 -4.27 4.73
C TYR C 107 28.18 -4.41 3.95
N ALA C 108 28.16 -4.99 2.76
CA ALA C 108 29.37 -5.11 1.96
C ALA C 108 29.73 -3.76 1.34
N GLN C 109 31.04 -3.48 1.29
CA GLN C 109 31.53 -2.21 0.77
C GLN C 109 32.41 -2.35 -0.46
N GLY C 110 32.68 -3.58 -0.91
CA GLY C 110 33.57 -3.76 -2.04
C GLY C 110 32.93 -3.33 -3.36
N ASN C 111 33.79 -3.11 -4.35
CA ASN C 111 33.31 -2.77 -5.68
C ASN C 111 32.58 -3.95 -6.33
N ALA C 112 33.02 -5.16 -6.06
CA ALA C 112 32.34 -6.37 -6.49
C ALA C 112 31.99 -7.19 -5.25
N VAL C 113 30.84 -7.86 -5.29
CA VAL C 113 30.33 -8.63 -4.17
C VAL C 113 30.08 -10.05 -4.64
N ILE C 114 30.60 -11.02 -3.90
CA ILE C 114 30.51 -12.44 -4.24
C ILE C 114 29.88 -13.17 -3.06
N PRO C 115 28.63 -13.60 -3.19
CA PRO C 115 28.05 -14.49 -2.18
C PRO C 115 28.65 -15.89 -2.28
N ILE C 116 29.02 -16.45 -1.14
CA ILE C 116 29.65 -17.76 -1.08
C ILE C 116 29.10 -18.54 0.11
N ASP C 117 28.83 -19.82 -0.12
CA ASP C 117 28.39 -20.72 0.94
C ASP C 117 29.54 -21.08 1.87
N ALA C 118 29.21 -21.34 3.13
CA ALA C 118 30.23 -21.70 4.11
C ALA C 118 30.61 -23.17 4.07
N ASP C 119 29.87 -24.00 3.34
CA ASP C 119 30.19 -25.42 3.23
C ASP C 119 31.07 -25.74 2.04
N LEU C 120 31.51 -24.73 1.30
CA LEU C 120 32.46 -24.89 0.18
C LEU C 120 31.92 -25.82 -0.90
N GLN C 121 30.60 -25.91 -1.03
CA GLN C 121 30.03 -26.67 -2.14
C GLN C 121 30.42 -26.06 -3.47
N ASP C 122 30.39 -24.72 -3.56
CA ASP C 122 30.91 -24.02 -4.72
C ASP C 122 32.39 -23.71 -4.51
N PRO C 123 33.27 -24.14 -5.41
CA PRO C 123 34.72 -23.97 -5.18
C PRO C 123 35.10 -22.50 -5.15
N PRO C 124 35.82 -22.07 -4.11
CA PRO C 124 36.24 -20.66 -4.04
C PRO C 124 37.19 -20.25 -5.16
N GLU C 125 37.90 -21.20 -5.76
CA GLU C 125 38.84 -20.87 -6.84
C GLU C 125 38.14 -20.16 -7.99
N LEU C 126 36.88 -20.52 -8.26
CA LEU C 126 36.12 -19.86 -9.32
C LEU C 126 36.02 -18.37 -9.12
N ILE C 127 36.15 -17.88 -7.88
CA ILE C 127 36.23 -16.44 -7.63
C ILE C 127 37.15 -15.79 -8.65
N HIS C 128 38.36 -16.32 -8.80
CA HIS C 128 39.31 -15.74 -9.75
C HIS C 128 38.69 -15.62 -11.13
N GLU C 129 38.15 -16.73 -11.65
CA GLU C 129 37.49 -16.68 -12.95
C GLU C 129 36.39 -15.62 -12.95
N LEU C 130 35.53 -15.63 -11.93
CA LEU C 130 34.50 -14.61 -11.83
C LEU C 130 35.12 -13.22 -11.89
N VAL C 131 36.15 -12.98 -11.09
CA VAL C 131 36.77 -11.66 -11.07
C VAL C 131 37.30 -11.32 -12.46
N ASP C 132 37.86 -12.31 -13.15
CA ASP C 132 38.35 -12.05 -14.51
C ASP C 132 37.21 -11.56 -15.40
N LYS C 133 36.06 -12.24 -15.35
CA LYS C 133 34.92 -11.78 -16.12
C LYS C 133 34.51 -10.38 -15.70
N TRP C 134 34.63 -10.08 -14.41
CA TRP C 134 34.29 -8.75 -13.92
C TRP C 134 35.21 -7.70 -14.54
N ARG C 135 36.48 -8.05 -14.76
CA ARG C 135 37.37 -7.09 -15.42
C ARG C 135 37.13 -7.03 -16.92
N GLU C 136 36.42 -8.00 -17.50
CA GLU C 136 36.16 -7.97 -18.93
C GLU C 136 35.15 -6.90 -19.30
N GLY C 137 34.32 -6.46 -18.36
CA GLY C 137 33.37 -5.40 -18.62
C GLY C 137 31.95 -5.75 -18.25
N TYR C 138 31.77 -6.85 -17.54
CA TYR C 138 30.44 -7.31 -17.15
C TYR C 138 30.11 -6.83 -15.74
N ASP C 139 28.81 -6.79 -15.45
CA ASP C 139 28.31 -6.31 -14.18
C ASP C 139 27.81 -7.42 -13.27
N ILE C 140 27.05 -8.38 -13.80
CA ILE C 140 26.65 -9.57 -13.06
C ILE C 140 27.23 -10.77 -13.77
N VAL C 141 27.97 -11.58 -13.02
CA VAL C 141 28.59 -12.79 -13.56
C VAL C 141 28.07 -13.95 -12.72
N TYR C 142 27.12 -14.71 -13.27
CA TYR C 142 26.62 -15.88 -12.57
C TYR C 142 27.63 -17.01 -12.64
N ALA C 143 27.52 -17.94 -11.69
CA ALA C 143 28.32 -19.16 -11.68
C ALA C 143 27.35 -20.33 -11.84
N THR C 144 27.32 -20.91 -13.04
CA THR C 144 26.36 -21.94 -13.37
C THR C 144 27.03 -23.31 -13.40
N ARG C 145 26.35 -24.31 -12.88
CA ARG C 145 26.80 -25.68 -13.03
C ARG C 145 26.77 -26.09 -14.49
N ARG C 146 27.70 -26.95 -14.89
CA ARG C 146 27.68 -27.48 -16.24
C ARG C 146 26.40 -28.27 -16.48
N SER C 147 26.01 -29.08 -15.49
CA SER C 147 24.74 -29.80 -15.51
C SER C 147 24.45 -30.25 -14.09
N ARG C 148 23.22 -30.71 -13.86
CA ARG C 148 22.80 -31.09 -12.51
C ARG C 148 23.68 -32.22 -11.97
N GLN C 149 23.63 -33.39 -12.62
CA GLN C 149 24.56 -34.49 -12.34
C GLN C 149 24.49 -34.92 -10.87
N GLY C 150 23.34 -35.49 -10.51
CA GLY C 150 23.10 -35.91 -9.15
C GLY C 150 21.66 -35.82 -8.72
N GLU C 151 20.82 -35.23 -9.57
CA GLU C 151 19.38 -35.29 -9.37
C GLU C 151 18.81 -36.49 -10.11
N THR C 152 17.65 -36.96 -9.65
CA THR C 152 17.08 -38.23 -10.11
C THR C 152 16.21 -38.08 -11.34
N TRP C 153 16.44 -37.05 -12.16
CA TRP C 153 15.74 -36.80 -13.42
C TRP C 153 14.32 -36.29 -13.18
N VAL C 154 13.88 -36.30 -11.93
CA VAL C 154 12.61 -35.66 -11.57
C VAL C 154 12.82 -34.21 -11.20
N LYS C 155 13.80 -33.96 -10.32
CA LYS C 155 14.20 -32.60 -10.00
C LYS C 155 14.75 -31.86 -11.21
N GLN C 156 15.54 -32.54 -12.06
CA GLN C 156 16.03 -31.90 -13.28
C GLN C 156 14.87 -31.43 -14.16
N PHE C 157 13.90 -32.30 -14.41
CA PHE C 157 12.78 -31.95 -15.27
C PHE C 157 11.92 -30.84 -14.66
N THR C 158 11.64 -30.95 -13.36
CA THR C 158 10.84 -29.92 -12.70
C THR C 158 11.55 -28.57 -12.73
N ALA C 159 12.86 -28.57 -12.48
CA ALA C 159 13.64 -27.34 -12.55
C ALA C 159 13.64 -26.77 -13.96
N LYS C 160 13.76 -27.62 -14.97
CA LYS C 160 13.76 -27.14 -16.36
C LYS C 160 12.43 -26.48 -16.71
N MET C 161 11.32 -27.15 -16.39
CA MET C 161 10.01 -26.56 -16.67
C MET C 161 9.82 -25.25 -15.90
N PHE C 162 10.19 -25.23 -14.62
CA PHE C 162 10.03 -24.02 -13.82
C PHE C 162 10.88 -22.88 -14.38
N TYR C 163 12.10 -23.19 -14.84
CA TYR C 163 12.96 -22.15 -15.37
C TYR C 163 12.45 -21.62 -16.68
N LYS C 164 11.91 -22.49 -17.54
CA LYS C 164 11.24 -21.99 -18.74
C LYS C 164 10.07 -21.09 -18.38
N VAL C 165 9.31 -21.45 -17.34
CA VAL C 165 8.17 -20.65 -16.92
C VAL C 165 8.62 -19.25 -16.49
N ILE C 166 9.63 -19.18 -15.62
CA ILE C 166 10.05 -17.86 -15.15
C ILE C 166 10.72 -17.08 -16.27
N GLY C 167 11.48 -17.75 -17.14
CA GLY C 167 12.07 -17.05 -18.26
C GLY C 167 11.03 -16.45 -19.19
N ARG C 168 9.90 -17.12 -19.35
CA ARG C 168 8.77 -16.52 -20.05
C ARG C 168 8.12 -15.42 -19.22
N MET C 169 8.24 -15.46 -17.89
CA MET C 169 7.81 -14.34 -17.07
C MET C 169 8.80 -13.17 -17.12
N THR C 170 10.08 -13.44 -17.33
CA THR C 170 11.10 -12.41 -17.37
C THR C 170 11.38 -12.01 -18.81
N GLU C 171 12.26 -11.02 -18.99
CA GLU C 171 12.68 -10.56 -20.31
C GLU C 171 14.18 -10.31 -20.30
N ILE C 172 14.94 -11.18 -19.62
CA ILE C 172 16.39 -11.12 -19.63
C ILE C 172 16.95 -12.51 -19.85
N LYS C 173 16.11 -13.53 -19.64
CA LYS C 173 16.48 -14.93 -19.79
C LYS C 173 17.64 -15.29 -18.84
N ILE C 174 17.32 -15.25 -17.56
CA ILE C 174 18.24 -15.60 -16.49
C ILE C 174 18.81 -16.99 -16.77
N PRO C 175 20.12 -17.18 -16.71
CA PRO C 175 20.68 -18.47 -17.08
C PRO C 175 20.18 -19.56 -16.15
N PRO C 176 20.01 -20.78 -16.66
CA PRO C 176 19.60 -21.90 -15.81
C PRO C 176 20.75 -22.39 -14.94
N ASN C 177 20.38 -23.15 -13.92
CA ASN C 177 21.33 -23.78 -13.00
C ASN C 177 22.21 -22.75 -12.29
N THR C 178 21.63 -21.58 -11.99
CA THR C 178 22.34 -20.53 -11.26
C THR C 178 21.90 -20.53 -9.81
N GLY C 179 22.87 -20.60 -8.90
CA GLY C 179 22.63 -20.49 -7.49
C GLY C 179 22.89 -19.08 -6.99
N ASP C 180 23.24 -18.98 -5.72
CA ASP C 180 23.59 -17.69 -5.11
C ASP C 180 25.06 -17.35 -5.27
N PHE C 181 25.88 -18.27 -5.76
CA PHE C 181 27.30 -18.01 -6.01
C PHE C 181 27.41 -17.24 -7.32
N ARG C 182 27.83 -15.98 -7.23
CA ARG C 182 27.92 -15.11 -8.40
C ARG C 182 28.78 -13.91 -8.03
N LEU C 183 28.92 -13.00 -8.98
CA LEU C 183 29.63 -11.73 -8.76
C LEU C 183 28.72 -10.59 -9.17
N MET C 184 28.59 -9.61 -8.29
CA MET C 184 27.82 -8.39 -8.54
C MET C 184 28.76 -7.21 -8.60
N ASP C 185 28.60 -6.37 -9.61
CA ASP C 185 29.26 -5.08 -9.60
C ASP C 185 28.62 -4.18 -8.55
N ARG C 186 29.33 -3.13 -8.16
CA ARG C 186 28.76 -2.16 -7.24
C ARG C 186 27.51 -1.50 -7.82
N LYS C 187 27.48 -1.32 -9.14
CA LYS C 187 26.28 -0.80 -9.78
C LYS C 187 25.09 -1.71 -9.56
N VAL C 188 25.28 -3.02 -9.71
CA VAL C 188 24.20 -3.97 -9.55
C VAL C 188 23.76 -4.05 -8.09
N VAL C 189 24.71 -3.99 -7.16
CA VAL C 189 24.36 -4.00 -5.75
C VAL C 189 23.54 -2.76 -5.39
N ASN C 190 23.96 -1.60 -5.90
CA ASN C 190 23.21 -0.37 -5.64
C ASN C 190 21.81 -0.45 -6.25
N ALA C 191 21.70 -1.02 -7.46
CA ALA C 191 20.40 -1.19 -8.08
C ALA C 191 19.51 -2.12 -7.27
N ILE C 192 20.06 -3.20 -6.75
CA ILE C 192 19.28 -4.15 -5.95
C ILE C 192 18.81 -3.48 -4.66
N LYS C 193 19.70 -2.76 -3.98
CA LYS C 193 19.29 -2.01 -2.80
C LYS C 193 18.33 -0.87 -3.16
N GLN C 194 18.33 -0.43 -4.41
CA GLN C 194 17.40 0.59 -4.86
C GLN C 194 15.98 0.07 -5.01
N LEU C 195 15.78 -1.24 -4.93
CA LEU C 195 14.45 -1.84 -5.05
C LEU C 195 13.85 -2.03 -3.66
N PRO C 196 12.95 -1.15 -3.22
CA PRO C 196 12.31 -1.36 -1.92
C PRO C 196 11.27 -2.45 -2.00
N GLU C 197 11.59 -3.64 -1.49
CA GLU C 197 10.72 -4.79 -1.66
C GLU C 197 10.81 -5.67 -0.42
N ARG C 198 9.70 -6.35 -0.12
CA ARG C 198 9.64 -7.30 0.97
C ARG C 198 9.38 -8.73 0.51
N THR C 199 8.61 -8.88 -0.57
CA THR C 199 8.40 -10.17 -1.22
C THR C 199 9.19 -10.13 -2.51
N ARG C 200 10.42 -10.65 -2.46
CA ARG C 200 11.36 -10.56 -3.57
C ARG C 200 11.68 -11.95 -4.09
N PHE C 201 11.48 -12.15 -5.39
CA PHE C 201 11.99 -13.33 -6.09
C PHE C 201 13.36 -12.94 -6.64
N MET C 202 14.41 -13.38 -5.96
CA MET C 202 15.73 -12.81 -6.20
C MET C 202 16.22 -13.05 -7.62
N LYS C 203 15.96 -14.25 -8.16
CA LYS C 203 16.35 -14.51 -9.54
C LYS C 203 15.59 -13.60 -10.51
N GLY C 204 14.28 -13.45 -10.28
CA GLY C 204 13.51 -12.54 -11.11
C GLY C 204 13.96 -11.10 -10.95
N LEU C 205 14.34 -10.71 -9.74
CA LEU C 205 14.82 -9.35 -9.51
C LEU C 205 16.15 -9.12 -10.23
N PHE C 206 17.04 -10.11 -10.20
CA PHE C 206 18.30 -10.01 -10.94
C PHE C 206 18.06 -9.88 -12.43
N ALA C 207 17.10 -10.66 -12.95
CA ALA C 207 16.72 -10.49 -14.35
C ALA C 207 16.17 -9.10 -14.60
N TRP C 208 15.42 -8.57 -13.63
CA TRP C 208 14.81 -7.25 -13.81
C TRP C 208 15.86 -6.15 -13.89
N VAL C 209 16.91 -6.24 -13.09
CA VAL C 209 17.99 -5.23 -13.11
C VAL C 209 18.96 -5.69 -14.20
N GLY C 210 18.63 -5.35 -15.44
CA GLY C 210 19.38 -5.89 -16.54
C GLY C 210 20.59 -5.07 -16.93
N TYR C 211 21.75 -5.46 -16.42
CA TYR C 211 23.03 -4.88 -16.79
C TYR C 211 23.74 -5.83 -17.74
N ARG C 212 25.02 -5.57 -17.99
CA ARG C 212 25.81 -6.47 -18.81
C ARG C 212 26.01 -7.77 -18.03
N GLN C 213 25.20 -8.77 -18.32
CA GLN C 213 25.18 -10.02 -17.59
C GLN C 213 25.90 -11.12 -18.37
N THR C 214 26.55 -12.01 -17.64
CA THR C 214 27.18 -13.18 -18.25
C THR C 214 27.22 -14.29 -17.21
N PHE C 215 27.85 -15.40 -17.57
CA PHE C 215 27.96 -16.52 -16.65
C PHE C 215 29.24 -17.28 -16.96
N VAL C 216 29.71 -18.00 -15.95
CA VAL C 216 30.86 -18.90 -16.10
C VAL C 216 30.44 -20.29 -15.64
N LEU C 217 30.89 -21.30 -16.36
CA LEU C 217 30.51 -22.68 -16.10
C LEU C 217 31.52 -23.33 -15.16
N PHE C 218 31.00 -24.00 -14.14
CA PHE C 218 31.86 -24.69 -13.19
C PHE C 218 31.24 -26.04 -12.83
N ASP C 219 32.10 -26.99 -12.49
CA ASP C 219 31.67 -28.32 -12.06
C ASP C 219 31.81 -28.41 -10.55
N ARG C 220 30.70 -28.71 -9.88
CA ARG C 220 30.75 -28.91 -8.44
C ARG C 220 31.58 -30.15 -8.11
N GLU C 221 32.24 -30.10 -6.95
CA GLU C 221 33.15 -31.17 -6.57
C GLU C 221 32.39 -32.50 -6.49
N PRO C 222 32.99 -33.60 -6.95
CA PRO C 222 32.25 -34.87 -7.02
C PRO C 222 31.69 -35.34 -5.69
N ARG C 223 32.35 -35.03 -4.57
CA ARG C 223 31.79 -35.40 -3.28
C ARG C 223 30.47 -34.69 -3.03
N PHE C 224 30.39 -33.40 -3.39
CA PHE C 224 29.15 -32.63 -3.24
C PHE C 224 28.19 -33.05 -4.34
N GLN C 225 27.45 -34.12 -4.07
CA GLN C 225 26.48 -34.69 -5.00
C GLN C 225 25.12 -34.76 -4.31
N GLY C 226 24.18 -35.46 -4.93
CA GLY C 226 22.85 -35.57 -4.37
C GLY C 226 22.81 -36.24 -3.01
N GLN C 227 22.63 -35.44 -1.96
CA GLN C 227 22.44 -35.96 -0.62
C GLN C 227 21.39 -35.18 0.17
N THR C 228 20.74 -34.19 -0.43
CA THR C 228 19.78 -33.34 0.26
C THR C 228 18.38 -33.94 0.17
N LYS C 229 17.62 -33.81 1.25
CA LYS C 229 16.22 -34.22 1.26
C LYS C 229 15.40 -33.10 0.63
N TRP C 230 15.02 -33.29 -0.64
CA TRP C 230 14.23 -32.30 -1.37
C TRP C 230 12.79 -32.37 -0.87
N ASN C 231 12.60 -31.88 0.36
CA ASN C 231 11.26 -31.81 0.91
C ASN C 231 10.39 -30.92 0.04
N TYR C 232 9.32 -31.50 -0.51
CA TYR C 232 8.56 -30.82 -1.54
C TYR C 232 7.70 -29.68 -1.01
N TRP C 233 7.53 -29.55 0.31
CA TRP C 233 6.78 -28.43 0.84
C TRP C 233 7.53 -27.11 0.66
N LYS C 234 8.81 -27.08 1.04
CA LYS C 234 9.59 -25.87 0.83
C LYS C 234 9.89 -25.63 -0.65
N LEU C 235 10.01 -26.71 -1.44
CA LEU C 235 10.16 -26.54 -2.88
C LEU C 235 8.91 -25.91 -3.49
N TRP C 236 7.73 -26.37 -3.06
CA TRP C 236 6.48 -25.76 -3.52
C TRP C 236 6.35 -24.33 -3.04
N ASN C 237 6.82 -24.05 -1.82
CA ASN C 237 6.81 -22.67 -1.33
C ASN C 237 7.70 -21.77 -2.19
N PHE C 238 8.89 -22.26 -2.54
CA PHE C 238 9.77 -21.50 -3.42
C PHE C 238 9.13 -21.29 -4.78
N ALA C 239 8.45 -22.32 -5.30
CA ALA C 239 7.74 -22.17 -6.56
C ALA C 239 6.66 -21.11 -6.48
N LEU C 240 5.91 -21.08 -5.37
CA LEU C 240 4.85 -20.10 -5.22
C LEU C 240 5.41 -18.69 -5.09
N ASP C 241 6.50 -18.50 -4.36
CA ASP C 241 7.14 -17.20 -4.30
C ASP C 241 7.67 -16.77 -5.67
N GLY C 242 8.24 -17.70 -6.43
CA GLY C 242 8.69 -17.35 -7.76
C GLY C 242 7.55 -16.96 -8.68
N ILE C 243 6.43 -17.68 -8.60
CA ILE C 243 5.30 -17.43 -9.47
C ILE C 243 4.62 -16.11 -9.11
N PHE C 244 4.39 -15.87 -7.82
CA PHE C 244 3.50 -14.80 -7.38
C PHE C 244 4.25 -13.55 -6.89
N SER C 245 5.38 -13.71 -6.19
CA SER C 245 6.04 -12.55 -5.62
C SER C 245 6.74 -11.71 -6.68
N PHE C 246 6.96 -12.27 -7.87
CA PHE C 246 7.70 -11.54 -8.90
C PHE C 246 6.77 -10.80 -9.86
N SER C 247 5.91 -11.53 -10.56
CA SER C 247 5.17 -10.98 -11.68
C SER C 247 3.68 -11.21 -11.54
N LEU C 248 2.91 -10.40 -12.26
CA LEU C 248 1.46 -10.50 -12.33
C LEU C 248 0.99 -11.49 -13.40
N LEU C 249 1.92 -12.15 -14.10
CA LEU C 249 1.52 -13.08 -15.16
C LEU C 249 0.57 -14.16 -14.70
N PRO C 250 0.76 -14.82 -13.55
CA PRO C 250 -0.28 -15.75 -13.07
C PRO C 250 -1.59 -15.07 -12.73
N LEU C 251 -1.58 -13.77 -12.43
CA LEU C 251 -2.80 -13.03 -12.16
C LEU C 251 -3.46 -12.50 -13.41
N LYS C 252 -2.69 -12.28 -14.48
CA LYS C 252 -3.26 -11.87 -15.76
C LYS C 252 -3.69 -13.06 -16.62
N VAL C 253 -3.09 -14.24 -16.43
CA VAL C 253 -3.61 -15.44 -17.08
C VAL C 253 -5.01 -15.74 -16.55
N TRP C 254 -5.18 -15.68 -15.23
CA TRP C 254 -6.51 -15.59 -14.66
C TRP C 254 -7.05 -14.18 -14.84
N THR C 255 -8.35 -14.01 -14.61
CA THR C 255 -9.08 -12.77 -14.88
C THR C 255 -9.08 -12.48 -16.38
N TYR C 256 -8.38 -13.32 -17.14
CA TYR C 256 -8.54 -13.45 -18.58
C TYR C 256 -9.17 -14.79 -18.94
N LEU C 257 -8.75 -15.87 -18.26
CA LEU C 257 -9.55 -17.08 -18.26
C LEU C 257 -10.92 -16.80 -17.66
N GLY C 258 -10.93 -16.21 -16.46
CA GLY C 258 -12.15 -15.59 -15.99
C GLY C 258 -12.51 -14.41 -16.86
N SER C 259 -13.81 -14.11 -16.94
CA SER C 259 -14.41 -13.13 -17.85
C SER C 259 -14.39 -13.67 -19.28
N ILE C 260 -13.74 -14.82 -19.49
CA ILE C 260 -14.03 -15.63 -20.67
C ILE C 260 -15.02 -16.73 -20.31
N ILE C 261 -14.85 -17.34 -19.15
CA ILE C 261 -15.81 -18.34 -18.65
C ILE C 261 -16.95 -17.60 -17.95
N SER C 262 -16.89 -16.27 -17.94
CA SER C 262 -18.00 -15.45 -17.49
C SER C 262 -18.79 -14.84 -18.64
N LEU C 263 -18.10 -14.36 -19.67
CA LEU C 263 -18.78 -13.95 -20.89
C LEU C 263 -19.44 -15.14 -21.56
N LEU C 264 -18.79 -16.30 -21.53
CA LEU C 264 -19.39 -17.52 -22.03
C LEU C 264 -20.42 -18.10 -21.08
N SER C 265 -20.53 -17.57 -19.87
CA SER C 265 -21.57 -17.98 -18.92
C SER C 265 -22.78 -17.07 -18.97
N LEU C 266 -22.57 -15.77 -19.16
CA LEU C 266 -23.68 -14.89 -19.48
C LEU C 266 -24.29 -15.25 -20.83
N ALA C 267 -23.45 -15.62 -21.80
CA ALA C 267 -23.95 -16.37 -22.94
C ALA C 267 -24.31 -17.78 -22.49
N TYR C 268 -25.30 -18.37 -23.18
CA TYR C 268 -25.93 -19.62 -22.80
C TYR C 268 -26.85 -19.38 -21.59
N ALA C 269 -26.79 -18.18 -21.02
CA ALA C 269 -27.82 -17.71 -20.10
C ALA C 269 -28.82 -16.82 -20.83
N SER C 270 -28.32 -15.86 -21.60
CA SER C 270 -29.19 -15.14 -22.54
C SER C 270 -29.75 -16.09 -23.58
N PHE C 271 -28.92 -17.02 -24.06
CA PHE C 271 -29.41 -18.04 -25.00
C PHE C 271 -30.48 -18.90 -24.34
N LEU C 272 -30.29 -19.27 -23.07
CA LEU C 272 -31.31 -20.05 -22.38
C LEU C 272 -32.60 -19.27 -22.22
N ILE C 273 -32.49 -17.97 -21.90
CA ILE C 273 -33.69 -17.14 -21.77
C ILE C 273 -34.43 -17.08 -23.10
N LEU C 274 -33.68 -16.86 -24.19
CA LEU C 274 -34.32 -16.79 -25.51
C LEU C 274 -34.95 -18.12 -25.89
N LYS C 275 -34.27 -19.23 -25.62
CA LYS C 275 -34.83 -20.54 -25.95
C LYS C 275 -36.10 -20.80 -25.15
N THR C 276 -36.08 -20.50 -23.85
CA THR C 276 -37.26 -20.71 -23.03
C THR C 276 -38.43 -19.83 -23.47
N ILE C 277 -38.14 -18.58 -23.83
CA ILE C 277 -39.21 -17.67 -24.23
C ILE C 277 -39.78 -18.10 -25.58
N THR C 278 -38.92 -18.44 -26.54
CA THR C 278 -39.39 -18.74 -27.89
C THR C 278 -40.02 -20.12 -27.97
N LEU C 279 -39.24 -21.16 -27.65
CA LEU C 279 -39.75 -22.52 -27.74
C LEU C 279 -40.82 -22.81 -26.69
N GLY C 280 -40.80 -22.11 -25.57
CA GLY C 280 -41.72 -22.39 -24.49
C GLY C 280 -41.19 -23.50 -23.60
N VAL C 281 -39.92 -23.41 -23.24
CA VAL C 281 -39.24 -24.50 -22.54
C VAL C 281 -39.85 -24.62 -21.14
N ASP C 282 -40.64 -25.67 -20.94
CA ASP C 282 -41.10 -26.07 -19.62
C ASP C 282 -41.01 -27.58 -19.46
N VAL C 283 -40.01 -28.20 -20.08
CA VAL C 283 -39.85 -29.65 -20.03
C VAL C 283 -39.66 -30.09 -18.58
N PRO C 284 -38.80 -29.46 -17.78
CA PRO C 284 -38.84 -29.74 -16.34
C PRO C 284 -39.96 -29.00 -15.62
N GLY C 285 -40.30 -27.80 -16.10
CA GLY C 285 -41.12 -26.89 -15.34
C GLY C 285 -40.34 -25.93 -14.46
N TYR C 286 -39.02 -26.06 -14.42
CA TYR C 286 -38.19 -25.17 -13.60
C TYR C 286 -36.85 -25.02 -14.34
N ALA C 287 -36.76 -23.97 -15.15
CA ALA C 287 -35.53 -23.68 -15.89
C ALA C 287 -34.91 -22.35 -15.50
N SER C 288 -35.53 -21.61 -14.58
CA SER C 288 -34.95 -20.36 -14.11
C SER C 288 -33.79 -20.59 -13.16
N LEU C 289 -33.67 -21.79 -12.58
CA LEU C 289 -32.55 -22.07 -11.71
C LEU C 289 -31.23 -21.98 -12.46
N MET C 290 -31.16 -22.58 -13.65
CA MET C 290 -29.93 -22.54 -14.43
C MET C 290 -29.61 -21.11 -14.87
N VAL C 291 -30.62 -20.36 -15.27
CA VAL C 291 -30.39 -18.97 -15.68
C VAL C 291 -29.87 -18.15 -14.51
N ALA C 292 -30.46 -18.32 -13.32
CA ALA C 292 -29.98 -17.60 -12.15
C ALA C 292 -28.55 -17.98 -11.81
N ILE C 293 -28.26 -19.28 -11.84
CA ILE C 293 -26.91 -19.75 -11.53
C ILE C 293 -25.91 -19.14 -12.49
N LEU C 294 -26.18 -19.23 -13.79
CA LEU C 294 -25.25 -18.72 -14.78
C LEU C 294 -25.08 -17.21 -14.68
N PHE C 295 -26.18 -16.49 -14.49
CA PHE C 295 -26.10 -15.03 -14.43
C PHE C 295 -25.32 -14.58 -13.20
N LEU C 296 -25.64 -15.14 -12.02
CA LEU C 296 -24.94 -14.74 -10.81
C LEU C 296 -23.47 -15.15 -10.86
N GLY C 297 -23.18 -16.34 -11.39
CA GLY C 297 -21.80 -16.75 -11.51
C GLY C 297 -21.01 -15.85 -12.45
N GLY C 298 -21.60 -15.48 -13.59
CA GLY C 298 -20.91 -14.60 -14.51
C GLY C 298 -20.68 -13.21 -13.93
N VAL C 299 -21.69 -12.67 -13.24
CA VAL C 299 -21.54 -11.35 -12.63
C VAL C 299 -20.47 -11.38 -11.54
N GLN C 300 -20.48 -12.43 -10.71
CA GLN C 300 -19.47 -12.55 -9.66
C GLN C 300 -18.07 -12.75 -10.25
N LEU C 301 -17.98 -13.48 -11.35
CA LEU C 301 -16.68 -13.67 -12.00
C LEU C 301 -16.16 -12.37 -12.59
N ILE C 302 -17.03 -11.56 -13.18
CA ILE C 302 -16.60 -10.26 -13.69
C ILE C 302 -16.16 -9.36 -12.53
N SER C 303 -16.90 -9.39 -11.42
CA SER C 303 -16.51 -8.60 -10.27
C SER C 303 -15.15 -9.04 -9.73
N LEU C 304 -14.92 -10.35 -9.66
CA LEU C 304 -13.64 -10.87 -9.20
C LEU C 304 -12.52 -10.51 -10.17
N GLY C 305 -12.80 -10.50 -11.47
CA GLY C 305 -11.80 -10.10 -12.43
C GLY C 305 -11.41 -8.64 -12.30
N VAL C 306 -12.40 -7.76 -12.10
CA VAL C 306 -12.10 -6.35 -11.87
C VAL C 306 -11.29 -6.17 -10.60
N ILE C 307 -11.68 -6.88 -9.53
CA ILE C 307 -10.93 -6.83 -8.28
C ILE C 307 -9.50 -7.32 -8.50
N GLY C 308 -9.33 -8.36 -9.31
CA GLY C 308 -7.98 -8.87 -9.57
C GLY C 308 -7.13 -7.90 -10.36
N GLU C 309 -7.70 -7.25 -11.37
CA GLU C 309 -6.95 -6.26 -12.12
C GLU C 309 -6.51 -5.10 -11.24
N TYR C 310 -7.42 -4.59 -10.41
CA TYR C 310 -7.05 -3.48 -9.54
C TYR C 310 -6.12 -3.93 -8.43
N LEU C 311 -6.21 -5.18 -7.99
CA LEU C 311 -5.26 -5.71 -7.02
C LEU C 311 -3.87 -5.85 -7.63
N GLY C 312 -3.78 -6.22 -8.91
CA GLY C 312 -2.51 -6.20 -9.58
C GLY C 312 -1.92 -4.80 -9.69
N ARG C 313 -2.78 -3.82 -9.97
CA ARG C 313 -2.31 -2.43 -9.96
C ARG C 313 -1.79 -2.03 -8.59
N VAL C 314 -2.51 -2.40 -7.53
CA VAL C 314 -2.07 -2.07 -6.17
C VAL C 314 -0.76 -2.78 -5.85
N TYR C 315 -0.61 -4.02 -6.31
CA TYR C 315 0.64 -4.76 -6.10
C TYR C 315 1.81 -4.05 -6.79
N GLU C 316 1.60 -3.60 -8.02
CA GLU C 316 2.65 -2.85 -8.72
C GLU C 316 2.99 -1.57 -7.97
N GLU C 317 1.97 -0.87 -7.47
CA GLU C 317 2.22 0.38 -6.75
C GLU C 317 3.00 0.13 -5.45
N VAL C 318 2.62 -0.89 -4.68
CA VAL C 318 3.26 -1.11 -3.39
C VAL C 318 4.63 -1.76 -3.53
N LYS C 319 4.90 -2.43 -4.65
CA LYS C 319 6.26 -2.93 -4.87
C LYS C 319 7.25 -1.77 -5.01
N ALA C 320 6.81 -0.67 -5.62
CA ALA C 320 7.57 0.57 -5.68
C ALA C 320 8.93 0.38 -6.34
N ARG C 321 8.97 -0.47 -7.37
CA ARG C 321 10.18 -0.61 -8.16
C ARG C 321 10.46 0.68 -8.90
N PRO C 322 11.73 1.04 -9.10
CA PRO C 322 12.05 2.21 -9.90
C PRO C 322 11.54 2.04 -11.33
N LEU C 323 11.15 3.16 -11.94
CA LEU C 323 10.71 3.12 -13.32
C LEU C 323 11.81 2.62 -14.25
N TYR C 324 13.03 3.11 -14.03
CA TYR C 324 14.17 2.80 -14.88
C TYR C 324 15.40 2.60 -14.00
N LEU C 325 16.51 2.22 -14.64
CA LEU C 325 17.79 2.14 -13.96
C LEU C 325 18.86 2.63 -14.92
N VAL C 326 19.60 3.65 -14.50
CA VAL C 326 20.65 4.24 -15.32
C VAL C 326 21.94 3.50 -15.07
N SER C 327 22.58 3.02 -16.12
CA SER C 327 23.84 2.31 -16.00
C SER C 327 25.04 3.24 -16.18
N ASP C 328 24.92 4.22 -17.08
CA ASP C 328 26.02 5.15 -17.33
C ASP C 328 25.43 6.52 -17.67
N LEU C 329 26.24 7.55 -17.45
CA LEU C 329 25.84 8.93 -17.73
C LEU C 329 27.01 9.66 -18.37
N TRP C 330 26.76 10.25 -19.54
CA TRP C 330 27.78 11.03 -20.25
C TRP C 330 27.35 12.49 -20.26
N GLY C 331 28.08 13.33 -19.55
CA GLY C 331 27.75 14.73 -19.47
C GLY C 331 26.72 15.10 -18.42
N LEU C 332 26.27 14.14 -17.61
CA LEU C 332 25.29 14.39 -16.57
C LEU C 332 25.77 13.79 -15.25
N GLU C 333 25.33 14.39 -14.15
CA GLU C 333 25.61 13.87 -12.82
C GLU C 333 24.43 13.03 -12.33
N TYR C 334 24.74 12.01 -11.55
CA TYR C 334 23.71 11.08 -11.08
C TYR C 334 22.71 11.80 -10.20
N LEU C 335 21.42 11.56 -10.47
CA LEU C 335 20.38 12.12 -9.63
C LEU C 335 20.38 11.43 -8.27
N PRO C 336 20.23 12.18 -7.17
CA PRO C 336 20.22 11.61 -5.82
C PRO C 336 18.97 10.76 -5.55
N THR D 25 22.41 28.89 -17.41
CA THR D 25 21.23 28.04 -17.29
C THR D 25 20.79 27.53 -18.66
N ILE D 26 19.92 26.52 -18.65
CA ILE D 26 19.41 25.91 -19.87
C ILE D 26 17.94 26.29 -20.01
N GLU D 27 17.59 26.86 -21.17
CA GLU D 27 16.23 27.29 -21.41
C GLU D 27 15.35 26.17 -21.96
N LEU D 28 15.90 25.28 -22.78
CA LEU D 28 15.13 24.25 -23.44
C LEU D 28 15.90 22.94 -23.41
N SER D 29 15.18 21.84 -23.20
CA SER D 29 15.78 20.51 -23.11
C SER D 29 15.06 19.56 -24.06
N ILE D 30 15.73 19.18 -25.14
CA ILE D 30 15.19 18.24 -26.11
C ILE D 30 15.54 16.84 -25.66
N VAL D 31 14.54 16.04 -25.32
CA VAL D 31 14.73 14.69 -24.81
C VAL D 31 14.38 13.71 -25.91
N ILE D 32 15.36 12.91 -26.33
CA ILE D 32 15.19 11.94 -27.41
C ILE D 32 15.44 10.56 -26.84
N PRO D 33 14.39 9.73 -26.72
CA PRO D 33 14.59 8.31 -26.41
C PRO D 33 15.05 7.57 -27.65
N MET D 34 16.14 6.83 -27.53
CA MET D 34 16.80 6.20 -28.67
C MET D 34 16.89 4.70 -28.44
N TYR D 35 16.50 3.92 -29.44
CA TYR D 35 16.61 2.46 -29.37
C TYR D 35 16.86 1.94 -30.77
N ASN D 36 18.05 1.41 -31.00
CA ASN D 36 18.47 0.94 -32.32
C ASN D 36 18.33 2.06 -33.36
N GLU D 37 19.07 3.14 -33.13
CA GLU D 37 18.89 4.37 -33.89
C GLU D 37 20.16 4.79 -34.61
N GLU D 38 21.06 3.85 -34.90
CA GLU D 38 22.19 4.19 -35.75
C GLU D 38 21.72 4.47 -37.16
N ASP D 39 22.52 5.24 -37.90
CA ASP D 39 22.23 5.72 -39.25
C ASP D 39 21.09 6.73 -39.26
N ASN D 40 20.48 7.03 -38.12
CA ASN D 40 19.52 8.12 -37.99
C ASN D 40 20.03 9.27 -37.14
N LEU D 41 21.19 9.10 -36.49
CA LEU D 41 21.66 10.10 -35.54
C LEU D 41 22.20 11.34 -36.25
N GLU D 42 22.88 11.15 -37.37
CA GLU D 42 23.47 12.27 -38.09
C GLU D 42 22.38 13.21 -38.61
N HIS D 43 21.38 12.66 -39.31
CA HIS D 43 20.30 13.48 -39.84
C HIS D 43 19.51 14.14 -38.71
N LEU D 44 19.21 13.38 -37.65
CA LEU D 44 18.43 13.92 -36.55
C LEU D 44 19.17 15.07 -35.88
N PHE D 45 20.47 14.90 -35.62
CA PHE D 45 21.23 15.95 -34.95
C PHE D 45 21.42 17.16 -35.86
N ALA D 46 21.60 16.94 -37.16
CA ALA D 46 21.71 18.06 -38.10
C ALA D 46 20.42 18.88 -38.12
N ARG D 47 19.26 18.20 -38.19
CA ARG D 47 18.00 18.91 -38.16
C ARG D 47 17.77 19.62 -36.83
N LEU D 48 18.13 18.95 -35.72
CA LEU D 48 17.98 19.57 -34.41
C LEU D 48 18.82 20.84 -34.30
N LEU D 49 20.06 20.79 -34.77
CA LEU D 49 20.91 21.98 -34.72
C LEU D 49 20.37 23.08 -35.64
N GLU D 50 19.95 22.71 -36.85
CA GLU D 50 19.41 23.68 -37.79
C GLU D 50 18.16 24.35 -37.25
N VAL D 51 17.38 23.65 -36.43
CA VAL D 51 16.18 24.25 -35.84
C VAL D 51 16.51 25.06 -34.60
N LEU D 52 17.42 24.55 -33.76
CA LEU D 52 17.67 25.17 -32.47
C LEU D 52 18.56 26.42 -32.56
N THR D 53 19.46 26.47 -33.54
CA THR D 53 20.35 27.63 -33.63
C THR D 53 19.61 28.95 -33.86
N PRO D 54 18.62 29.06 -34.76
CA PRO D 54 17.89 30.32 -34.88
C PRO D 54 17.16 30.74 -33.62
N LEU D 55 16.80 29.78 -32.75
CA LEU D 55 16.11 30.13 -31.52
C LEU D 55 16.97 30.99 -30.61
N LYS D 56 18.30 30.83 -30.67
CA LYS D 56 19.25 31.66 -29.95
C LYS D 56 19.02 31.61 -28.44
N ILE D 57 18.86 30.39 -27.92
CA ILE D 57 18.74 30.17 -26.48
C ILE D 57 19.67 29.02 -26.10
N THR D 58 20.03 28.97 -24.83
CA THR D 58 20.89 27.92 -24.30
C THR D 58 20.06 26.65 -24.19
N TYR D 59 20.23 25.75 -25.14
CA TYR D 59 19.50 24.49 -25.18
C TYR D 59 20.40 23.34 -24.73
N GLU D 60 19.77 22.21 -24.45
CA GLU D 60 20.47 20.97 -24.20
C GLU D 60 19.73 19.84 -24.90
N ILE D 61 20.47 18.81 -25.27
CA ILE D 61 19.93 17.62 -25.90
C ILE D 61 20.29 16.44 -25.02
N ILE D 62 19.29 15.67 -24.62
CA ILE D 62 19.48 14.51 -23.75
C ILE D 62 19.00 13.28 -24.49
N CYS D 63 19.92 12.38 -24.82
CA CYS D 63 19.63 11.17 -25.57
C CYS D 63 19.60 10.01 -24.57
N VAL D 64 18.44 9.36 -24.46
CA VAL D 64 18.24 8.27 -23.52
C VAL D 64 18.37 6.98 -24.32
N ASN D 65 19.56 6.38 -24.27
CA ASN D 65 19.79 5.13 -24.98
C ASN D 65 19.05 4.00 -24.26
N ASP D 66 17.91 3.61 -24.80
CA ASP D 66 17.01 2.66 -24.14
C ASP D 66 17.48 1.22 -24.38
N GLY D 67 18.71 0.94 -23.95
CA GLY D 67 19.24 -0.41 -24.02
C GLY D 67 19.30 -0.99 -25.41
N SER D 68 19.76 -0.20 -26.38
CA SER D 68 19.82 -0.67 -27.76
C SER D 68 20.86 -1.77 -27.90
N LYS D 69 20.50 -2.81 -28.65
CA LYS D 69 21.44 -3.86 -29.02
C LYS D 69 22.27 -3.49 -30.23
N ASP D 70 21.97 -2.36 -30.87
CA ASP D 70 22.65 -1.93 -32.07
C ASP D 70 23.85 -1.06 -31.67
N LYS D 71 24.50 -0.43 -32.64
CA LYS D 71 25.76 0.30 -32.41
C LYS D 71 25.51 1.80 -32.26
N THR D 72 24.41 2.19 -31.63
CA THR D 72 24.10 3.61 -31.50
C THR D 72 24.84 4.26 -30.34
N LEU D 73 25.24 3.49 -29.33
CA LEU D 73 25.90 4.08 -28.17
C LEU D 73 27.26 4.64 -28.53
N LYS D 74 28.00 3.96 -29.42
CA LYS D 74 29.29 4.46 -29.85
C LYS D 74 29.15 5.80 -30.58
N GLN D 75 28.17 5.89 -31.49
CA GLN D 75 27.95 7.14 -32.20
C GLN D 75 27.48 8.24 -31.25
N LEU D 76 26.65 7.88 -30.27
CA LEU D 76 26.21 8.85 -29.28
C LEU D 76 27.39 9.39 -28.48
N ILE D 77 28.31 8.50 -28.09
CA ILE D 77 29.50 8.93 -27.36
C ILE D 77 30.36 9.84 -28.22
N ASP D 78 30.50 9.50 -29.51
CA ASP D 78 31.28 10.35 -30.40
C ASP D 78 30.66 11.74 -30.53
N CYS D 79 29.34 11.79 -30.70
CA CYS D 79 28.66 13.08 -30.83
C CYS D 79 28.73 13.89 -29.54
N TYR D 80 28.68 13.20 -28.40
CA TYR D 80 28.85 13.88 -27.11
C TYR D 80 30.27 14.43 -26.97
N GLN D 81 31.26 13.70 -27.48
CA GLN D 81 32.62 14.20 -27.48
C GLN D 81 32.76 15.43 -28.35
N SER D 82 32.12 15.43 -29.52
CA SER D 82 32.23 16.59 -30.42
C SER D 82 31.35 17.74 -29.94
N ASN D 83 30.04 17.54 -29.87
CA ASN D 83 29.11 18.57 -29.44
C ASN D 83 28.95 18.53 -27.92
N ARG D 84 29.09 19.69 -27.29
CA ARG D 84 29.03 19.75 -25.83
C ARG D 84 27.61 19.85 -25.29
N GLN D 85 26.62 20.08 -26.15
CA GLN D 85 25.23 20.11 -25.71
C GLN D 85 24.61 18.72 -25.63
N ILE D 86 25.28 17.70 -26.16
CA ILE D 86 24.75 16.35 -26.13
C ILE D 86 25.06 15.72 -24.78
N LYS D 87 24.06 15.10 -24.16
CA LYS D 87 24.21 14.38 -22.92
C LYS D 87 23.56 13.01 -23.13
N ILE D 88 24.11 11.98 -22.51
CA ILE D 88 23.65 10.61 -22.72
C ILE D 88 23.20 10.03 -21.39
N VAL D 89 22.00 9.45 -21.38
CA VAL D 89 21.52 8.66 -20.26
C VAL D 89 21.43 7.22 -20.76
N ASN D 90 22.29 6.35 -20.22
CA ASN D 90 22.32 4.96 -20.66
C ASN D 90 21.53 4.12 -19.67
N LEU D 91 20.32 3.72 -20.06
CA LEU D 91 19.53 2.84 -19.23
C LEU D 91 20.15 1.45 -19.21
N SER D 92 19.90 0.72 -18.12
CA SER D 92 20.52 -0.60 -17.95
C SER D 92 20.08 -1.55 -19.06
N ARG D 93 18.78 -1.62 -19.31
CA ARG D 93 18.24 -2.50 -20.35
C ARG D 93 17.17 -1.73 -21.10
N ASN D 94 16.40 -2.45 -21.92
CA ASN D 94 15.33 -1.83 -22.70
C ASN D 94 14.09 -1.72 -21.81
N PHE D 95 13.72 -0.49 -21.47
CA PHE D 95 12.56 -0.22 -20.64
C PHE D 95 11.34 0.24 -21.42
N GLY D 96 11.50 0.60 -22.68
CA GLY D 96 10.42 1.13 -23.49
C GLY D 96 10.57 2.63 -23.72
N LYS D 97 9.79 3.11 -24.68
CA LYS D 97 9.85 4.53 -25.03
C LYS D 97 9.33 5.41 -23.91
N GLU D 98 8.23 5.00 -23.26
CA GLU D 98 7.65 5.82 -22.19
C GLU D 98 8.60 5.95 -21.01
N ILE D 99 9.20 4.83 -20.59
CA ILE D 99 10.11 4.88 -19.45
C ILE D 99 11.39 5.61 -19.81
N ALA D 100 11.86 5.45 -21.05
CA ALA D 100 13.04 6.20 -21.48
C ALA D 100 12.77 7.70 -21.48
N LEU D 101 11.57 8.10 -21.93
CA LEU D 101 11.20 9.51 -21.89
C LEU D 101 11.12 10.02 -20.46
N SER D 102 10.57 9.20 -19.55
CA SER D 102 10.51 9.60 -18.14
C SER D 102 11.92 9.78 -17.57
N ALA D 103 12.83 8.86 -17.90
CA ALA D 103 14.20 8.96 -17.42
C ALA D 103 14.89 10.21 -17.96
N GLY D 104 14.67 10.52 -19.25
CA GLY D 104 15.26 11.71 -19.83
C GLY D 104 14.70 12.99 -19.22
N ILE D 105 13.39 13.04 -19.01
CA ILE D 105 12.77 14.23 -18.43
C ILE D 105 13.23 14.42 -16.99
N ASP D 106 13.44 13.32 -16.26
CA ASP D 106 13.94 13.43 -14.89
C ASP D 106 15.33 14.05 -14.87
N TYR D 107 16.13 13.79 -15.90
CA TYR D 107 17.48 14.32 -16.00
C TYR D 107 17.55 15.64 -16.77
N ALA D 108 16.43 16.13 -17.27
CA ALA D 108 16.41 17.40 -17.98
C ALA D 108 16.43 18.56 -17.00
N GLN D 109 17.25 19.57 -17.28
CA GLN D 109 17.40 20.72 -16.42
C GLN D 109 16.92 22.02 -17.06
N GLY D 110 16.38 21.97 -18.27
CA GLY D 110 15.93 23.17 -18.93
C GLY D 110 14.66 23.74 -18.33
N ASN D 111 14.34 24.97 -18.74
CA ASN D 111 13.12 25.61 -18.29
C ASN D 111 11.90 25.07 -19.02
N ALA D 112 12.09 24.40 -20.15
CA ALA D 112 11.00 23.77 -20.90
C ALA D 112 11.54 22.52 -21.57
N VAL D 113 10.84 21.40 -21.36
CA VAL D 113 11.29 20.09 -21.86
C VAL D 113 10.42 19.70 -23.04
N ILE D 114 11.08 19.37 -24.15
CA ILE D 114 10.41 18.94 -25.37
C ILE D 114 10.81 17.50 -25.64
N PRO D 115 9.89 16.55 -25.43
CA PRO D 115 10.16 15.17 -25.87
C PRO D 115 9.98 15.04 -27.38
N ILE D 116 10.99 14.49 -28.04
CA ILE D 116 10.96 14.30 -29.48
C ILE D 116 11.43 12.89 -29.80
N ASP D 117 11.12 12.44 -31.01
CA ASP D 117 11.47 11.10 -31.47
C ASP D 117 12.63 11.17 -32.46
N ALA D 118 13.60 10.27 -32.31
CA ALA D 118 14.77 10.29 -33.15
C ALA D 118 14.49 9.86 -34.58
N ASP D 119 13.33 9.23 -34.83
CA ASP D 119 12.97 8.84 -36.19
C ASP D 119 12.60 10.03 -37.06
N LEU D 120 12.47 11.22 -36.48
CA LEU D 120 12.08 12.44 -37.17
C LEU D 120 10.69 12.33 -37.79
N GLN D 121 9.86 11.42 -37.27
CA GLN D 121 8.45 11.40 -37.66
C GLN D 121 7.72 12.63 -37.15
N ASP D 122 8.22 13.25 -36.08
CA ASP D 122 7.74 14.54 -35.62
C ASP D 122 8.72 15.59 -36.10
N PRO D 123 8.34 16.48 -37.01
CA PRO D 123 9.30 17.42 -37.59
C PRO D 123 9.87 18.35 -36.52
N PRO D 124 11.20 18.40 -36.38
CA PRO D 124 11.79 19.30 -35.39
C PRO D 124 11.53 20.77 -35.66
N GLU D 125 11.17 21.14 -36.88
CA GLU D 125 10.88 22.54 -37.19
C GLU D 125 9.70 23.07 -36.38
N LEU D 126 8.83 22.18 -35.90
CA LEU D 126 7.73 22.59 -35.04
C LEU D 126 8.19 23.11 -33.69
N ILE D 127 9.42 22.78 -33.28
CA ILE D 127 9.90 23.17 -31.96
C ILE D 127 9.76 24.67 -31.76
N HIS D 128 10.20 25.45 -32.74
CA HIS D 128 10.05 26.90 -32.68
C HIS D 128 8.62 27.28 -32.38
N GLU D 129 7.66 26.73 -33.14
CA GLU D 129 6.26 27.01 -32.88
C GLU D 129 5.90 26.72 -31.43
N LEU D 130 6.27 25.53 -30.95
CA LEU D 130 5.99 25.19 -29.55
C LEU D 130 6.56 26.25 -28.63
N VAL D 131 7.84 26.62 -28.83
CA VAL D 131 8.45 27.60 -27.95
C VAL D 131 7.68 28.90 -28.00
N ASP D 132 7.25 29.31 -29.19
CA ASP D 132 6.46 30.54 -29.31
C ASP D 132 5.22 30.45 -28.42
N LYS D 133 4.48 29.35 -28.52
CA LYS D 133 3.30 29.21 -27.68
C LYS D 133 3.69 29.15 -26.21
N TRP D 134 4.85 28.53 -25.91
CA TRP D 134 5.31 28.49 -24.53
C TRP D 134 5.60 29.89 -24.01
N ARG D 135 6.01 30.80 -24.90
CA ARG D 135 6.27 32.16 -24.46
C ARG D 135 5.01 33.00 -24.46
N GLU D 136 3.91 32.45 -24.98
CA GLU D 136 2.65 33.18 -24.94
C GLU D 136 2.00 33.14 -23.57
N GLY D 137 2.42 32.21 -22.71
CA GLY D 137 1.88 32.12 -21.37
C GLY D 137 1.41 30.73 -21.00
N TYR D 138 1.59 29.77 -21.90
CA TYR D 138 1.11 28.43 -21.69
C TYR D 138 2.16 27.57 -20.98
N ASP D 139 1.68 26.52 -20.32
CA ASP D 139 2.54 25.60 -19.57
C ASP D 139 2.76 24.29 -20.29
N ILE D 140 1.70 23.71 -20.87
CA ILE D 140 1.81 22.51 -21.70
C ILE D 140 1.36 22.89 -23.11
N VAL D 141 2.21 22.60 -24.08
CA VAL D 141 1.90 22.88 -25.49
C VAL D 141 2.02 21.56 -26.23
N TYR D 142 0.90 20.87 -26.39
CA TYR D 142 0.90 19.62 -27.13
C TYR D 142 1.11 19.89 -28.62
N ALA D 143 1.58 18.87 -29.33
CA ALA D 143 1.65 18.88 -30.78
C ALA D 143 0.67 17.85 -31.31
N THR D 144 -0.30 18.30 -32.11
CA THR D 144 -1.39 17.46 -32.58
C THR D 144 -1.41 17.41 -34.10
N ARG D 145 -1.58 16.21 -34.64
CA ARG D 145 -1.74 16.06 -36.07
C ARG D 145 -3.11 16.56 -36.51
N ARG D 146 -3.15 17.23 -37.66
CA ARG D 146 -4.42 17.75 -38.18
C ARG D 146 -5.38 16.60 -38.51
N SER D 147 -4.91 15.63 -39.29
CA SER D 147 -5.70 14.47 -39.66
C SER D 147 -4.79 13.26 -39.67
N ARG D 148 -5.39 12.08 -39.46
CA ARG D 148 -4.60 10.86 -39.36
C ARG D 148 -3.87 10.58 -40.68
N GLN D 149 -4.59 10.64 -41.80
CA GLN D 149 -4.01 10.62 -43.14
C GLN D 149 -3.13 9.38 -43.35
N GLY D 150 -3.78 8.22 -43.35
CA GLY D 150 -3.08 6.98 -43.61
C GLY D 150 -3.59 5.79 -42.84
N GLU D 151 -4.33 6.04 -41.76
CA GLU D 151 -4.92 4.97 -40.97
C GLU D 151 -6.33 4.66 -41.48
N THR D 152 -6.68 3.38 -41.48
CA THR D 152 -7.98 2.95 -41.98
C THR D 152 -9.07 3.25 -40.95
N TRP D 153 -10.31 2.90 -41.30
CA TRP D 153 -11.43 3.17 -40.41
C TRP D 153 -11.33 2.38 -39.11
N VAL D 154 -10.72 1.19 -39.15
CA VAL D 154 -10.57 0.39 -37.94
C VAL D 154 -9.61 1.03 -36.95
N LYS D 155 -8.72 1.91 -37.41
CA LYS D 155 -7.82 2.65 -36.54
C LYS D 155 -8.24 4.10 -36.36
N GLN D 156 -9.37 4.50 -36.93
CA GLN D 156 -9.94 5.82 -36.69
C GLN D 156 -11.12 5.76 -35.73
N PHE D 157 -12.05 4.83 -35.95
CA PHE D 157 -13.22 4.71 -35.08
C PHE D 157 -12.81 4.30 -33.67
N THR D 158 -11.93 3.30 -33.56
CA THR D 158 -11.47 2.86 -32.25
C THR D 158 -10.72 3.98 -31.53
N ALA D 159 -9.87 4.70 -32.25
CA ALA D 159 -9.17 5.84 -31.65
C ALA D 159 -10.15 6.89 -31.16
N LYS D 160 -11.17 7.19 -31.96
CA LYS D 160 -12.14 8.22 -31.57
C LYS D 160 -12.88 7.80 -30.31
N MET D 161 -13.39 6.57 -30.27
CA MET D 161 -14.12 6.13 -29.08
C MET D 161 -13.21 6.06 -27.86
N PHE D 162 -11.97 5.64 -28.04
CA PHE D 162 -11.04 5.62 -26.91
C PHE D 162 -10.80 7.02 -26.38
N TYR D 163 -10.67 8.01 -27.28
CA TYR D 163 -10.47 9.38 -26.83
C TYR D 163 -11.70 9.94 -26.12
N LYS D 164 -12.90 9.62 -26.60
CA LYS D 164 -14.09 10.05 -25.87
C LYS D 164 -14.17 9.40 -24.49
N VAL D 165 -13.83 8.11 -24.40
CA VAL D 165 -13.86 7.42 -23.11
C VAL D 165 -12.86 8.06 -22.15
N ILE D 166 -11.66 8.36 -22.62
CA ILE D 166 -10.65 8.99 -21.77
C ILE D 166 -11.10 10.39 -21.37
N GLY D 167 -11.67 11.15 -22.31
CA GLY D 167 -12.15 12.49 -21.97
C GLY D 167 -13.21 12.47 -20.90
N ARG D 168 -14.14 11.51 -20.97
CA ARG D 168 -15.10 11.35 -19.88
C ARG D 168 -14.44 10.84 -18.61
N MET D 169 -13.29 10.15 -18.74
CA MET D 169 -12.58 9.67 -17.55
C MET D 169 -11.99 10.81 -16.76
N THR D 170 -11.40 11.80 -17.44
CA THR D 170 -10.79 12.95 -16.79
C THR D 170 -11.80 14.09 -16.68
N GLU D 171 -11.32 15.28 -16.33
CA GLU D 171 -12.13 16.49 -16.30
C GLU D 171 -11.45 17.64 -17.03
N ILE D 172 -10.41 17.37 -17.81
CA ILE D 172 -9.58 18.41 -18.40
C ILE D 172 -9.52 18.34 -19.92
N LYS D 173 -10.00 17.26 -20.53
CA LYS D 173 -10.22 17.17 -21.97
C LYS D 173 -8.90 17.35 -22.75
N ILE D 174 -8.04 16.35 -22.59
CA ILE D 174 -6.79 16.24 -23.34
C ILE D 174 -7.10 16.33 -24.82
N PRO D 175 -6.43 17.22 -25.57
CA PRO D 175 -6.70 17.32 -27.00
C PRO D 175 -6.36 16.03 -27.71
N PRO D 176 -7.11 15.68 -28.76
CA PRO D 176 -6.88 14.43 -29.48
C PRO D 176 -5.71 14.54 -30.45
N ASN D 177 -5.41 13.42 -31.10
CA ASN D 177 -4.34 13.34 -32.10
C ASN D 177 -2.99 13.75 -31.52
N THR D 178 -2.79 13.49 -30.24
CA THR D 178 -1.58 13.93 -29.54
C THR D 178 -0.62 12.76 -29.36
N GLY D 179 0.65 12.99 -29.68
CA GLY D 179 1.69 12.02 -29.42
C GLY D 179 2.57 12.45 -28.27
N ASP D 180 3.81 11.99 -28.26
CA ASP D 180 4.75 12.42 -27.23
C ASP D 180 5.43 13.74 -27.57
N PHE D 181 5.31 14.22 -28.81
CA PHE D 181 5.82 15.53 -29.16
C PHE D 181 5.03 16.61 -28.45
N ARG D 182 5.69 17.35 -27.57
CA ARG D 182 5.02 18.38 -26.79
C ARG D 182 6.09 19.26 -26.14
N LEU D 183 5.63 20.34 -25.52
CA LEU D 183 6.47 21.19 -24.70
C LEU D 183 5.91 21.20 -23.28
N MET D 184 6.78 20.98 -22.31
CA MET D 184 6.41 20.94 -20.89
C MET D 184 7.24 21.98 -20.15
N ASP D 185 6.56 22.90 -19.47
CA ASP D 185 7.26 23.87 -18.66
C ASP D 185 7.86 23.20 -17.43
N ARG D 186 8.86 23.86 -16.84
CA ARG D 186 9.49 23.33 -15.64
C ARG D 186 8.49 23.17 -14.50
N LYS D 187 7.49 24.05 -14.45
CA LYS D 187 6.39 23.88 -13.49
C LYS D 187 5.71 22.54 -13.69
N VAL D 188 5.33 22.23 -14.94
CA VAL D 188 4.66 20.98 -15.23
C VAL D 188 5.59 19.79 -15.03
N VAL D 189 6.87 19.96 -15.36
CA VAL D 189 7.83 18.87 -15.18
C VAL D 189 7.96 18.52 -13.70
N ASN D 190 8.06 19.54 -12.85
CA ASN D 190 8.15 19.29 -11.41
C ASN D 190 6.84 18.73 -10.86
N ALA D 191 5.71 19.15 -11.43
CA ALA D 191 4.43 18.59 -11.03
C ALA D 191 4.35 17.10 -11.38
N ILE D 192 4.84 16.73 -12.56
CA ILE D 192 4.80 15.34 -13.00
C ILE D 192 5.77 14.50 -12.17
N LYS D 193 6.95 15.04 -11.88
CA LYS D 193 7.89 14.33 -11.03
C LYS D 193 7.38 14.16 -9.60
N GLN D 194 6.33 14.91 -9.23
CA GLN D 194 5.72 14.76 -7.92
C GLN D 194 4.78 13.58 -7.84
N LEU D 195 4.47 12.93 -8.97
CA LEU D 195 3.64 11.75 -8.98
C LEU D 195 4.53 10.52 -8.85
N PRO D 196 4.49 9.79 -7.75
CA PRO D 196 5.38 8.63 -7.60
C PRO D 196 4.77 7.35 -8.15
N GLU D 197 3.74 7.48 -8.97
CA GLU D 197 3.03 6.31 -9.46
C GLU D 197 3.94 5.42 -10.31
N ARG D 198 3.75 4.11 -10.17
CA ARG D 198 4.42 3.14 -11.03
C ARG D 198 3.55 2.68 -12.19
N THR D 199 2.24 2.66 -12.01
CA THR D 199 1.29 2.39 -13.09
C THR D 199 0.80 3.74 -13.60
N ARG D 200 1.37 4.19 -14.71
CA ARG D 200 1.17 5.54 -15.22
C ARG D 200 0.45 5.51 -16.56
N PHE D 201 -0.59 6.33 -16.67
CA PHE D 201 -1.24 6.63 -17.95
C PHE D 201 -0.86 8.06 -18.28
N MET D 202 0.08 8.22 -19.22
CA MET D 202 0.70 9.52 -19.44
C MET D 202 -0.30 10.56 -19.91
N LYS D 203 -1.21 10.19 -20.80
CA LYS D 203 -2.23 11.15 -21.24
C LYS D 203 -3.10 11.59 -20.07
N GLY D 204 -3.56 10.64 -19.26
CA GLY D 204 -4.36 10.98 -18.10
C GLY D 204 -3.57 11.75 -17.05
N LEU D 205 -2.29 11.41 -16.88
CA LEU D 205 -1.46 12.13 -15.92
C LEU D 205 -1.25 13.58 -16.35
N PHE D 206 -1.02 13.82 -17.64
CA PHE D 206 -0.80 15.18 -18.12
C PHE D 206 -2.09 15.97 -18.13
N ALA D 207 -3.23 15.32 -18.36
CA ALA D 207 -4.50 16.00 -18.14
C ALA D 207 -4.68 16.35 -16.67
N TRP D 208 -4.27 15.44 -15.78
CA TRP D 208 -4.48 15.62 -14.34
C TRP D 208 -3.74 16.85 -13.81
N VAL D 209 -2.57 17.17 -14.36
CA VAL D 209 -1.82 18.36 -13.93
C VAL D 209 -2.39 19.52 -14.73
N GLY D 210 -3.50 20.06 -14.23
CA GLY D 210 -4.29 21.01 -15.00
C GLY D 210 -3.73 22.41 -15.07
N TYR D 211 -2.53 22.57 -15.64
CA TYR D 211 -1.96 23.88 -15.84
C TYR D 211 -2.58 24.51 -17.09
N ARG D 212 -2.04 25.63 -17.54
CA ARG D 212 -2.53 26.27 -18.75
C ARG D 212 -2.01 25.50 -19.95
N GLN D 213 -2.91 24.84 -20.68
CA GLN D 213 -2.55 23.93 -21.75
C GLN D 213 -3.12 24.41 -23.08
N THR D 214 -2.44 24.04 -24.16
CA THR D 214 -2.88 24.38 -25.51
C THR D 214 -2.25 23.38 -26.47
N PHE D 215 -2.64 23.46 -27.74
CA PHE D 215 -2.14 22.56 -28.77
C PHE D 215 -1.64 23.36 -29.97
N VAL D 216 -0.75 22.74 -30.74
CA VAL D 216 -0.27 23.28 -32.00
C VAL D 216 -0.48 22.22 -33.07
N LEU D 217 -1.16 22.58 -34.15
CA LEU D 217 -1.46 21.64 -35.21
C LEU D 217 -0.30 21.54 -36.19
N PHE D 218 0.06 20.31 -36.55
CA PHE D 218 1.13 20.07 -37.49
C PHE D 218 0.78 18.88 -38.38
N ASP D 219 1.40 18.84 -39.55
CA ASP D 219 1.23 17.75 -40.50
C ASP D 219 2.47 16.86 -40.45
N ARG D 220 2.26 15.59 -40.17
CA ARG D 220 3.36 14.63 -40.15
C ARG D 220 3.95 14.47 -41.55
N GLU D 221 5.26 14.28 -41.61
CA GLU D 221 5.93 14.18 -42.91
C GLU D 221 5.42 12.95 -43.67
N PRO D 222 5.07 13.11 -44.95
CA PRO D 222 4.54 11.97 -45.72
C PRO D 222 5.57 10.89 -46.02
N ARG D 223 6.81 11.01 -45.52
CA ARG D 223 7.81 9.99 -45.78
C ARG D 223 7.39 8.65 -45.20
N PHE D 224 6.88 8.65 -43.97
CA PHE D 224 6.38 7.44 -43.35
C PHE D 224 4.87 7.35 -43.55
N GLN D 225 4.34 6.14 -43.41
CA GLN D 225 2.94 5.85 -43.67
C GLN D 225 2.24 5.42 -42.40
N GLY D 226 0.91 5.37 -42.48
CA GLY D 226 0.07 4.92 -41.39
C GLY D 226 -0.32 3.46 -41.45
N GLN D 227 0.24 2.68 -42.38
CA GLN D 227 -0.06 1.26 -42.52
C GLN D 227 0.80 0.39 -41.60
N THR D 228 1.33 0.96 -40.52
CA THR D 228 2.12 0.19 -39.58
C THR D 228 1.28 -0.95 -38.99
N LYS D 229 1.88 -2.11 -38.87
CA LYS D 229 1.19 -3.28 -38.35
C LYS D 229 0.69 -3.02 -36.94
N TRP D 230 -0.63 -3.14 -36.75
CA TRP D 230 -1.25 -2.91 -35.45
C TRP D 230 -1.23 -4.23 -34.67
N ASN D 231 -0.26 -4.35 -33.77
CA ASN D 231 -0.23 -5.51 -32.87
C ASN D 231 -1.35 -5.34 -31.85
N TYR D 232 -2.54 -5.83 -32.19
CA TYR D 232 -3.73 -5.52 -31.40
C TYR D 232 -3.63 -6.02 -29.97
N TRP D 233 -2.74 -6.99 -29.69
CA TRP D 233 -2.44 -7.32 -28.31
C TRP D 233 -1.86 -6.11 -27.58
N LYS D 234 -0.93 -5.40 -28.23
CA LYS D 234 -0.35 -4.21 -27.60
C LYS D 234 -1.36 -3.07 -27.53
N LEU D 235 -2.14 -2.87 -28.59
CA LEU D 235 -3.13 -1.79 -28.59
C LEU D 235 -4.33 -2.11 -27.70
N TRP D 236 -4.45 -3.34 -27.21
CA TRP D 236 -5.42 -3.69 -26.19
C TRP D 236 -4.81 -3.57 -24.79
N ASN D 237 -3.56 -4.02 -24.62
CA ASN D 237 -2.90 -3.89 -23.33
C ASN D 237 -2.73 -2.44 -22.92
N PHE D 238 -2.30 -1.59 -23.86
CA PHE D 238 -2.15 -0.18 -23.55
C PHE D 238 -3.49 0.47 -23.23
N ALA D 239 -4.54 0.13 -24.00
CA ALA D 239 -5.85 0.70 -23.75
C ALA D 239 -6.37 0.29 -22.37
N LEU D 240 -6.23 -1.00 -22.02
CA LEU D 240 -6.72 -1.46 -20.73
C LEU D 240 -5.87 -0.92 -19.60
N ASP D 241 -4.59 -0.68 -19.83
CA ASP D 241 -3.77 -0.04 -18.82
C ASP D 241 -4.21 1.40 -18.58
N GLY D 242 -4.45 2.15 -19.65
CA GLY D 242 -4.96 3.49 -19.50
C GLY D 242 -6.31 3.52 -18.80
N ILE D 243 -7.16 2.53 -19.08
CA ILE D 243 -8.48 2.45 -18.46
C ILE D 243 -8.34 2.11 -16.98
N PHE D 244 -7.45 1.20 -16.64
CA PHE D 244 -7.37 0.61 -15.31
C PHE D 244 -6.31 1.24 -14.41
N SER D 245 -5.21 1.76 -14.98
CA SER D 245 -4.14 2.32 -14.16
C SER D 245 -4.21 3.83 -14.06
N PHE D 246 -5.33 4.45 -14.42
CA PHE D 246 -5.51 5.88 -14.29
C PHE D 246 -6.57 6.27 -13.28
N SER D 247 -7.79 5.77 -13.44
CA SER D 247 -8.91 6.17 -12.60
C SER D 247 -9.63 4.94 -12.07
N LEU D 248 -10.57 5.17 -11.16
CA LEU D 248 -11.36 4.12 -10.55
C LEU D 248 -12.73 3.96 -11.18
N LEU D 249 -13.00 4.68 -12.27
CA LEU D 249 -14.30 4.68 -12.92
C LEU D 249 -14.77 3.28 -13.35
N PRO D 250 -13.91 2.44 -13.93
CA PRO D 250 -14.35 1.06 -14.19
C PRO D 250 -14.75 0.31 -12.94
N LEU D 251 -14.07 0.56 -11.81
CA LEU D 251 -14.42 -0.09 -10.56
C LEU D 251 -15.61 0.57 -9.88
N LYS D 252 -15.94 1.80 -10.26
CA LYS D 252 -17.11 2.47 -9.69
C LYS D 252 -18.38 2.17 -10.47
N VAL D 253 -18.28 2.02 -11.79
CA VAL D 253 -19.44 1.59 -12.57
C VAL D 253 -19.90 0.22 -12.10
N TRP D 254 -18.96 -0.71 -11.93
CA TRP D 254 -19.25 -1.94 -11.22
C TRP D 254 -19.21 -1.70 -9.72
N THR D 255 -19.68 -2.68 -8.95
CA THR D 255 -19.96 -2.53 -7.52
C THR D 255 -21.03 -1.47 -7.30
N TYR D 256 -21.54 -0.91 -8.40
CA TYR D 256 -22.76 -0.12 -8.44
C TYR D 256 -23.82 -0.85 -9.23
N LEU D 257 -23.50 -1.23 -10.47
CA LEU D 257 -24.36 -2.14 -11.21
C LEU D 257 -24.42 -3.51 -10.56
N GLY D 258 -23.28 -3.99 -10.06
CA GLY D 258 -23.28 -5.27 -9.37
C GLY D 258 -24.10 -5.24 -8.10
N SER D 259 -24.01 -4.14 -7.33
CA SER D 259 -24.81 -4.02 -6.13
C SER D 259 -26.29 -3.86 -6.46
N ILE D 260 -26.61 -3.18 -7.57
CA ILE D 260 -28.00 -3.11 -8.02
C ILE D 260 -28.51 -4.49 -8.37
N ILE D 261 -27.69 -5.30 -9.04
CA ILE D 261 -28.06 -6.67 -9.35
C ILE D 261 -28.30 -7.46 -8.07
N SER D 262 -27.44 -7.24 -7.07
CA SER D 262 -27.61 -7.93 -5.79
C SER D 262 -28.92 -7.54 -5.12
N LEU D 263 -29.25 -6.25 -5.13
CA LEU D 263 -30.51 -5.81 -4.55
C LEU D 263 -31.71 -6.41 -5.28
N LEU D 264 -31.64 -6.47 -6.61
CA LEU D 264 -32.71 -7.08 -7.38
C LEU D 264 -32.84 -8.56 -7.06
N SER D 265 -31.71 -9.26 -6.92
CA SER D 265 -31.73 -10.68 -6.58
C SER D 265 -32.33 -10.91 -5.20
N LEU D 266 -31.97 -10.07 -4.23
CA LEU D 266 -32.51 -10.23 -2.89
C LEU D 266 -33.99 -9.90 -2.85
N ALA D 267 -34.43 -8.89 -3.61
CA ALA D 267 -35.85 -8.58 -3.70
C ALA D 267 -36.62 -9.73 -4.32
N TYR D 268 -36.08 -10.33 -5.38
CA TYR D 268 -36.73 -11.48 -5.99
C TYR D 268 -36.77 -12.66 -5.03
N ALA D 269 -35.70 -12.86 -4.26
CA ALA D 269 -35.70 -13.93 -3.27
C ALA D 269 -36.76 -13.72 -2.20
N SER D 270 -36.92 -12.48 -1.74
CA SER D 270 -37.96 -12.19 -0.76
C SER D 270 -39.35 -12.39 -1.35
N PHE D 271 -39.55 -11.94 -2.58
CA PHE D 271 -40.84 -12.15 -3.24
C PHE D 271 -41.15 -13.63 -3.42
N LEU D 272 -40.14 -14.42 -3.79
CA LEU D 272 -40.33 -15.85 -3.93
C LEU D 272 -40.61 -16.51 -2.58
N ILE D 273 -39.95 -16.06 -1.52
CA ILE D 273 -40.23 -16.58 -0.19
C ILE D 273 -41.69 -16.33 0.16
N LEU D 274 -42.14 -15.09 -0.03
CA LEU D 274 -43.55 -14.78 0.24
C LEU D 274 -44.47 -15.66 -0.60
N LYS D 275 -44.21 -15.73 -1.91
CA LYS D 275 -45.04 -16.54 -2.80
C LYS D 275 -45.01 -18.01 -2.39
N THR D 276 -43.99 -18.43 -1.66
CA THR D 276 -43.96 -19.78 -1.11
C THR D 276 -44.84 -19.90 0.13
N ILE D 277 -44.80 -18.92 1.05
CA ILE D 277 -45.69 -18.98 2.21
C ILE D 277 -47.12 -18.67 1.81
N THR D 278 -47.38 -17.45 1.33
CA THR D 278 -48.70 -17.11 0.82
C THR D 278 -48.80 -17.54 -0.64
N LEU D 279 -49.95 -18.11 -0.99
CA LEU D 279 -50.27 -18.82 -2.22
C LEU D 279 -49.71 -20.25 -2.17
N GLY D 280 -48.90 -20.59 -1.19
CA GLY D 280 -48.52 -21.97 -0.94
C GLY D 280 -47.88 -22.70 -2.10
N VAL D 281 -46.89 -22.06 -2.74
CA VAL D 281 -46.28 -22.64 -3.94
C VAL D 281 -45.57 -23.93 -3.54
N ASP D 282 -46.09 -25.06 -4.02
CA ASP D 282 -45.46 -26.36 -3.87
C ASP D 282 -45.47 -27.13 -5.18
N VAL D 283 -45.75 -26.47 -6.31
CA VAL D 283 -45.90 -27.18 -7.57
C VAL D 283 -44.63 -27.92 -7.99
N PRO D 284 -43.43 -27.31 -7.97
CA PRO D 284 -42.23 -28.11 -8.24
C PRO D 284 -41.83 -28.96 -7.04
N GLY D 285 -42.09 -28.44 -5.83
CA GLY D 285 -41.66 -29.07 -4.61
C GLY D 285 -40.27 -28.69 -4.16
N TYR D 286 -39.53 -27.95 -4.98
CA TYR D 286 -38.18 -27.49 -4.65
C TYR D 286 -37.95 -26.05 -5.08
N ALA D 287 -38.92 -25.17 -4.81
CA ALA D 287 -38.71 -23.75 -5.03
C ALA D 287 -38.00 -23.13 -3.84
N SER D 288 -36.92 -23.76 -3.42
CA SER D 288 -36.02 -23.24 -2.40
C SER D 288 -34.56 -23.29 -2.81
N LEU D 289 -34.20 -24.09 -3.81
CA LEU D 289 -32.90 -23.94 -4.46
C LEU D 289 -32.78 -22.56 -5.08
N MET D 290 -33.87 -22.07 -5.68
CA MET D 290 -33.87 -20.72 -6.22
C MET D 290 -33.66 -19.67 -5.13
N VAL D 291 -34.32 -19.85 -3.98
CA VAL D 291 -34.17 -18.89 -2.89
C VAL D 291 -32.73 -18.88 -2.38
N ALA D 292 -32.14 -20.07 -2.19
CA ALA D 292 -30.77 -20.14 -1.71
C ALA D 292 -29.81 -19.55 -2.73
N ILE D 293 -30.01 -19.87 -4.02
CA ILE D 293 -29.14 -19.34 -5.07
C ILE D 293 -29.19 -17.82 -5.07
N LEU D 294 -30.40 -17.26 -5.09
CA LEU D 294 -30.55 -15.80 -5.14
C LEU D 294 -29.96 -15.15 -3.90
N PHE D 295 -30.23 -15.71 -2.72
CA PHE D 295 -29.77 -15.11 -1.48
C PHE D 295 -28.25 -15.13 -1.39
N LEU D 296 -27.65 -16.29 -1.64
CA LEU D 296 -26.20 -16.39 -1.56
C LEU D 296 -25.52 -15.55 -2.64
N GLY D 297 -26.09 -15.52 -3.85
CA GLY D 297 -25.53 -14.66 -4.88
C GLY D 297 -25.58 -13.20 -4.51
N GLY D 298 -26.70 -12.74 -3.97
CA GLY D 298 -26.80 -11.36 -3.54
C GLY D 298 -25.85 -11.02 -2.41
N VAL D 299 -25.72 -11.93 -1.44
CA VAL D 299 -24.82 -11.69 -0.32
C VAL D 299 -23.38 -11.62 -0.80
N GLN D 300 -22.98 -12.55 -1.66
CA GLN D 300 -21.61 -12.51 -2.21
C GLN D 300 -21.41 -11.29 -3.09
N LEU D 301 -22.45 -10.82 -3.78
CA LEU D 301 -22.31 -9.63 -4.60
C LEU D 301 -22.13 -8.39 -3.75
N ILE D 302 -22.85 -8.29 -2.62
CA ILE D 302 -22.64 -7.16 -1.72
C ILE D 302 -21.24 -7.22 -1.12
N SER D 303 -20.79 -8.42 -0.74
CA SER D 303 -19.44 -8.57 -0.20
C SER D 303 -18.40 -8.17 -1.23
N LEU D 304 -18.58 -8.58 -2.48
CA LEU D 304 -17.65 -8.21 -3.54
C LEU D 304 -17.67 -6.72 -3.80
N GLY D 305 -18.85 -6.09 -3.72
CA GLY D 305 -18.92 -4.65 -3.90
C GLY D 305 -18.21 -3.88 -2.81
N VAL D 306 -18.39 -4.31 -1.55
CA VAL D 306 -17.68 -3.66 -0.44
C VAL D 306 -16.18 -3.85 -0.58
N ILE D 307 -15.76 -5.07 -0.93
CA ILE D 307 -14.33 -5.33 -1.14
C ILE D 307 -13.80 -4.48 -2.27
N GLY D 308 -14.57 -4.31 -3.35
CA GLY D 308 -14.14 -3.48 -4.45
C GLY D 308 -14.02 -2.02 -4.08
N GLU D 309 -14.98 -1.50 -3.31
CA GLU D 309 -14.89 -0.11 -2.87
C GLU D 309 -13.67 0.13 -2.00
N TYR D 310 -13.42 -0.78 -1.05
CA TYR D 310 -12.25 -0.62 -0.19
C TYR D 310 -10.96 -0.81 -0.96
N LEU D 311 -10.95 -1.72 -1.95
CA LEU D 311 -9.78 -1.87 -2.81
C LEU D 311 -9.53 -0.62 -3.63
N GLY D 312 -10.59 0.04 -4.08
CA GLY D 312 -10.43 1.30 -4.77
C GLY D 312 -9.84 2.38 -3.90
N ARG D 313 -10.30 2.44 -2.64
CA ARG D 313 -9.68 3.37 -1.69
C ARG D 313 -8.21 3.05 -1.48
N VAL D 314 -7.88 1.76 -1.35
CA VAL D 314 -6.48 1.35 -1.18
C VAL D 314 -5.66 1.77 -2.39
N TYR D 315 -6.21 1.59 -3.59
CA TYR D 315 -5.52 1.94 -4.81
C TYR D 315 -5.28 3.45 -4.88
N GLU D 316 -6.30 4.25 -4.56
CA GLU D 316 -6.14 5.70 -4.55
C GLU D 316 -5.09 6.13 -3.53
N GLU D 317 -5.01 5.42 -2.40
CA GLU D 317 -4.03 5.79 -1.38
C GLU D 317 -2.61 5.40 -1.81
N VAL D 318 -2.44 4.20 -2.38
CA VAL D 318 -1.11 3.76 -2.75
C VAL D 318 -0.58 4.50 -3.97
N LYS D 319 -1.47 5.06 -4.80
CA LYS D 319 -0.98 5.89 -5.90
C LYS D 319 -0.26 7.13 -5.38
N ALA D 320 -0.63 7.61 -4.19
CA ALA D 320 0.05 8.71 -3.51
C ALA D 320 0.12 9.95 -4.37
N ARG D 321 -0.98 10.25 -5.07
CA ARG D 321 -1.05 11.49 -5.83
C ARG D 321 -1.15 12.67 -4.88
N PRO D 322 -0.46 13.78 -5.17
CA PRO D 322 -0.61 14.97 -4.34
C PRO D 322 -2.05 15.47 -4.38
N LEU D 323 -2.52 15.96 -3.22
CA LEU D 323 -3.91 16.41 -3.14
C LEU D 323 -4.16 17.59 -4.05
N TYR D 324 -3.24 18.55 -4.09
CA TYR D 324 -3.37 19.75 -4.89
C TYR D 324 -2.05 20.02 -5.61
N LEU D 325 -2.05 21.04 -6.46
CA LEU D 325 -0.86 21.46 -7.19
C LEU D 325 -0.90 22.97 -7.32
N VAL D 326 0.00 23.65 -6.60
CA VAL D 326 0.01 25.12 -6.59
C VAL D 326 0.72 25.61 -7.85
N SER D 327 -0.01 26.39 -8.65
CA SER D 327 0.58 26.94 -9.87
C SER D 327 1.39 28.19 -9.57
N ASP D 328 0.80 29.14 -8.84
CA ASP D 328 1.47 30.39 -8.52
C ASP D 328 1.15 30.76 -7.08
N LEU D 329 2.03 31.59 -6.51
CA LEU D 329 1.88 32.05 -5.13
C LEU D 329 2.19 33.53 -5.05
N TRP D 330 1.30 34.28 -4.40
CA TRP D 330 1.50 35.70 -4.16
C TRP D 330 1.57 35.92 -2.65
N GLY D 331 2.67 36.51 -2.19
CA GLY D 331 2.86 36.76 -0.78
C GLY D 331 3.29 35.55 0.03
N LEU D 332 3.56 34.42 -0.62
CA LEU D 332 3.96 33.20 0.08
C LEU D 332 5.13 32.57 -0.64
N GLU D 333 5.87 31.74 0.09
CA GLU D 333 6.97 30.97 -0.46
C GLU D 333 6.55 29.51 -0.57
N TYR D 334 6.97 28.85 -1.65
CA TYR D 334 6.56 27.48 -1.90
C TYR D 334 6.99 26.55 -0.78
N LEU D 335 6.08 25.68 -0.37
CA LEU D 335 6.40 24.72 0.67
C LEU D 335 7.43 23.72 0.17
N PRO D 336 8.34 23.26 1.04
CA PRO D 336 9.37 22.26 0.73
C PRO D 336 8.80 21.04 0.00
#